data_3PS9
#
_entry.id   3PS9
#
_cell.length_a   100.063
_cell.length_b   100.063
_cell.length_c   159.190
_cell.angle_alpha   90.00
_cell.angle_beta   90.00
_cell.angle_gamma   90.00
#
_symmetry.space_group_name_H-M   'P 41 21 2'
#
loop_
_entity.id
_entity.type
_entity.pdbx_description
1 polymer 'tRNA 5-methylaminomethyl-2-thiouridine biosynthesis bifunctional protein mnmC'
2 non-polymer 'FLAVIN-ADENINE DINUCLEOTIDE'
3 non-polymer S-ADENOSYLMETHIONINE
4 non-polymer 'CHLORIDE ION'
5 water water
#
_entity_poly.entity_id   1
_entity_poly.type   'polypeptide(L)'
_entity_poly.pdbx_seq_one_letter_code
;LGTDDDDKMKHYSIQPANLEFNAEGTPVSRDFDDVYFSNDNGLEETRYVFLGGNQLEVRFPEHPHPLFVVAESGFGTGLN
FLTLWQAFDQFREAHPQAQLQRLHFISFEKFPLTRADLALAHQHWPELAPWAEQLQAQWPMPLPGCHRLLLDAGRVTLDL
WFGDINELTSQLDDSLNQKVDAWFLDGFAPAKNPDMWTQNLFNAMARLARPGGTLATFTSAGFVRRGLQDAGFTMQKRKG
FGRKREMLCGVMEQTLPLPCSAPWFNRTGSSKREAAIIGGGIASALLSLALLRRGWQVTLYCADEAPALGASGNRQGALY
PLLSKHDEALNRFFSNAFTFARRFYDQLPVKFDHDWCGVTQLGWDEKSQHKIAQMLSMDLPAELAVAVEANAVEQITGVA
TNCSGITYPQGGWLCPAELTRNVLELAQQQGLQIYYQYQLQNFSRKDDCWLLNFAGDQQATHSVVVLANGHQISRFSQTS
TLPVYSVAGQVSHIPTTPELAELKQVLCYDGYLTPQNPANQHHCIGASYHRGSEDTAYSEDDQQQNRQRLIDCFPQAQWA
KEVDVSDKEARCGVRCATRDHLPMVGNVPDYEATLVEYASLAEQKDEAVSAPVFDDLFMFAALGSRGLCSAPLCAEILAA
QMSDEPIPMDASTLAALNPNRLWVRKLLKGKAVKAG
;
_entity_poly.pdbx_strand_id   A
#
# COMPACT_ATOMS: atom_id res chain seq x y z
N LEU A 1 -4.54 -6.37 35.89
CA LEU A 1 -4.39 -6.37 34.40
C LEU A 1 -5.72 -6.09 33.65
N GLY A 2 -5.62 -6.07 32.31
CA GLY A 2 -6.76 -5.83 31.43
C GLY A 2 -7.16 -4.36 31.25
N THR A 3 -6.24 -3.45 31.55
CA THR A 3 -6.54 -2.01 31.53
C THR A 3 -6.11 -1.34 30.23
N ASP A 4 -6.63 -0.14 30.01
CA ASP A 4 -6.28 0.67 28.84
C ASP A 4 -5.05 1.56 29.06
N ASP A 5 -4.39 1.39 30.21
CA ASP A 5 -3.19 2.17 30.60
C ASP A 5 -2.08 2.26 29.56
N ASP A 6 -1.97 1.22 28.71
CA ASP A 6 -1.14 1.22 27.50
C ASP A 6 -1.43 2.34 26.51
N ASP A 7 -2.70 2.72 26.37
CA ASP A 7 -3.16 3.65 25.30
C ASP A 7 -2.51 5.03 25.35
N LYS A 8 -2.11 5.45 26.54
CA LYS A 8 -1.45 6.72 26.79
C LYS A 8 0.01 6.72 26.36
N MET A 9 0.52 5.55 25.98
CA MET A 9 1.89 5.42 25.46
C MET A 9 1.93 5.04 23.96
N LYS A 10 0.76 4.90 23.33
CA LYS A 10 0.70 4.59 21.90
C LYS A 10 0.54 5.86 21.04
N HIS A 11 1.25 5.90 19.92
CA HIS A 11 1.18 7.07 19.05
C HIS A 11 1.01 6.69 17.58
N TYR A 12 0.06 7.34 16.93
CA TYR A 12 -0.32 6.93 15.57
C TYR A 12 0.13 8.01 14.59
N SER A 13 1.02 8.86 15.09
CA SER A 13 1.65 9.92 14.31
C SER A 13 3.14 9.90 14.57
N ILE A 14 3.93 10.13 13.53
CA ILE A 14 5.37 10.31 13.71
C ILE A 14 5.64 11.82 13.79
N GLN A 15 6.52 12.22 14.68
CA GLN A 15 6.82 13.63 14.85
C GLN A 15 7.94 14.12 13.92
N PRO A 16 7.76 15.33 13.37
CA PRO A 16 8.69 15.87 12.40
C PRO A 16 10.00 16.40 12.99
N ALA A 17 10.93 16.70 12.10
CA ALA A 17 12.24 17.19 12.48
C ALA A 17 12.19 18.65 12.87
N ASN A 18 12.94 18.98 13.91
CA ASN A 18 13.19 20.34 14.32
C ASN A 18 14.33 20.87 13.46
N LEU A 19 14.02 21.68 12.46
CA LEU A 19 15.06 22.17 11.56
C LEU A 19 15.41 23.65 11.72
N GLU A 20 16.67 23.95 11.43
CA GLU A 20 17.16 25.32 11.33
C GLU A 20 18.25 25.32 10.24
N PHE A 21 18.53 26.49 9.68
CA PHE A 21 19.54 26.64 8.63
C PHE A 21 20.74 27.49 9.10
N ASN A 22 21.63 27.91 8.19
CA ASN A 22 22.78 28.78 8.55
C ASN A 22 23.16 29.92 7.58
N THR A 26 22.48 25.33 4.33
CA THR A 26 22.65 24.04 5.03
C THR A 26 21.60 23.83 6.13
N PRO A 27 20.95 22.64 6.16
CA PRO A 27 20.00 22.22 7.20
C PRO A 27 20.68 21.58 8.42
N VAL A 28 20.30 22.06 9.59
CA VAL A 28 20.94 21.66 10.83
C VAL A 28 19.86 21.07 11.70
N SER A 29 20.14 19.92 12.31
CA SER A 29 19.17 19.30 13.19
C SER A 29 19.33 19.82 14.60
N ARG A 30 18.25 20.37 15.15
CA ARG A 30 18.25 20.95 16.51
C ARG A 30 18.42 19.84 17.54
N ASP A 31 17.72 18.73 17.32
CA ASP A 31 17.75 17.57 18.21
C ASP A 31 19.17 16.97 18.31
N PHE A 32 19.88 16.93 17.18
CA PHE A 32 21.20 16.25 17.10
C PHE A 32 22.44 17.15 17.12
N ASP A 33 22.25 18.47 16.97
CA ASP A 33 23.36 19.41 16.82
C ASP A 33 24.41 18.96 15.81
N ASP A 34 23.95 18.60 14.62
CA ASP A 34 24.81 18.30 13.49
C ASP A 34 24.17 18.81 12.21
N VAL A 35 24.99 19.01 11.18
CA VAL A 35 24.49 19.40 9.86
C VAL A 35 24.00 18.14 9.15
N TYR A 36 23.02 18.29 8.28
CA TYR A 36 22.55 17.13 7.48
C TYR A 36 23.61 16.67 6.48
N PHE A 37 24.32 17.64 5.92
CA PHE A 37 25.40 17.39 4.97
C PHE A 37 26.32 18.59 4.96
N SER A 38 27.44 18.48 4.25
CA SER A 38 28.40 19.59 4.15
C SER A 38 28.03 20.69 3.15
N ASN A 39 28.65 21.85 3.37
CA ASN A 39 28.12 23.15 2.93
C ASN A 39 28.21 23.44 1.41
N ASP A 40 29.43 23.50 0.86
CA ASP A 40 29.60 23.75 -0.57
C ASP A 40 29.61 22.44 -1.36
N ASN A 41 30.10 21.38 -0.73
CA ASN A 41 30.48 20.16 -1.40
C ASN A 41 29.56 18.98 -1.14
N GLY A 42 28.43 19.25 -0.49
CA GLY A 42 27.46 18.22 -0.14
C GLY A 42 27.09 17.29 -1.28
N LEU A 43 26.93 17.85 -2.48
CA LEU A 43 26.49 17.09 -3.65
C LEU A 43 27.59 16.16 -4.20
N GLU A 44 28.80 16.70 -4.37
CA GLU A 44 29.89 15.86 -4.84
C GLU A 44 30.35 14.83 -3.80
N GLU A 45 30.26 15.17 -2.51
CA GLU A 45 30.57 14.22 -1.46
C GLU A 45 29.59 13.04 -1.46
N THR A 46 28.33 13.34 -1.68
CA THR A 46 27.27 12.35 -1.73
C THR A 46 27.53 11.34 -2.85
N ARG A 47 27.87 11.86 -4.02
CA ARG A 47 28.27 11.08 -5.19
C ARG A 47 29.53 10.26 -4.93
N TYR A 48 30.47 10.79 -4.18
CA TYR A 48 31.68 10.02 -3.89
C TYR A 48 31.47 8.93 -2.85
N VAL A 49 30.86 9.29 -1.71
CA VAL A 49 30.69 8.38 -0.58
C VAL A 49 29.68 7.28 -0.91
N PHE A 50 28.48 7.64 -1.34
CA PHE A 50 27.40 6.68 -1.42
C PHE A 50 27.27 6.00 -2.77
N LEU A 51 27.41 6.76 -3.86
CA LEU A 51 27.39 6.19 -5.18
C LEU A 51 28.74 5.53 -5.51
N GLY A 52 29.84 6.30 -5.40
CA GLY A 52 31.18 5.78 -5.63
C GLY A 52 31.59 4.64 -4.70
N GLY A 53 31.22 4.71 -3.42
CA GLY A 53 31.59 3.65 -2.48
C GLY A 53 30.81 2.36 -2.66
N ASN A 54 29.77 2.40 -3.45
CA ASN A 54 29.02 1.19 -3.74
C ASN A 54 29.27 0.82 -5.18
N GLN A 55 30.18 1.56 -5.80
CA GLN A 55 30.58 1.38 -7.21
C GLN A 55 29.39 1.27 -8.13
N LEU A 56 28.46 2.22 -8.02
CA LEU A 56 27.21 2.12 -8.77
C LEU A 56 27.35 2.33 -10.27
N GLU A 57 28.22 3.24 -10.67
CA GLU A 57 28.42 3.57 -12.08
C GLU A 57 28.99 2.37 -12.86
N VAL A 58 29.94 1.66 -12.27
CA VAL A 58 30.48 0.45 -12.85
C VAL A 58 29.47 -0.70 -12.92
N ARG A 59 28.62 -0.80 -11.91
CA ARG A 59 27.77 -1.96 -11.76
C ARG A 59 26.48 -1.84 -12.56
N PHE A 60 25.95 -0.62 -12.66
CA PHE A 60 24.68 -0.42 -13.39
C PHE A 60 24.58 -1.10 -14.77
N PRO A 61 25.57 -0.91 -15.66
CA PRO A 61 25.34 -1.48 -17.00
C PRO A 61 25.45 -2.99 -17.08
N GLU A 62 26.04 -3.61 -16.07
CA GLU A 62 26.22 -5.05 -16.09
C GLU A 62 25.31 -5.73 -15.11
N HIS A 63 24.54 -4.94 -14.36
CA HIS A 63 23.62 -5.47 -13.36
C HIS A 63 22.60 -6.43 -13.98
N PRO A 64 22.66 -7.71 -13.60
CA PRO A 64 21.87 -8.81 -14.19
C PRO A 64 20.46 -8.99 -13.62
N HIS A 65 19.80 -7.90 -13.24
CA HIS A 65 18.45 -7.90 -12.73
C HIS A 65 17.77 -6.63 -13.24
N PRO A 66 16.44 -6.66 -13.48
CA PRO A 66 15.81 -5.45 -13.99
C PRO A 66 15.60 -4.38 -12.91
N LEU A 67 15.81 -4.77 -11.65
CA LEU A 67 15.66 -3.86 -10.51
C LEU A 67 16.97 -3.74 -9.75
N PHE A 68 17.30 -2.52 -9.33
CA PHE A 68 18.41 -2.30 -8.40
C PHE A 68 17.85 -1.75 -7.11
N VAL A 69 18.25 -2.31 -5.98
CA VAL A 69 17.62 -1.96 -4.73
C VAL A 69 18.66 -1.37 -3.82
N VAL A 70 18.48 -0.10 -3.47
CA VAL A 70 19.35 0.57 -2.53
C VAL A 70 18.56 0.69 -1.23
N ALA A 71 19.20 0.43 -0.10
CA ALA A 71 18.51 0.68 1.17
C ALA A 71 19.32 1.65 2.00
N GLU A 72 18.63 2.49 2.76
CA GLU A 72 19.30 3.61 3.42
C GLU A 72 18.88 3.74 4.88
N SER A 73 19.84 4.06 5.75
CA SER A 73 19.53 4.51 7.12
C SER A 73 19.57 6.04 7.18
N GLY A 74 18.42 6.65 7.45
CA GLY A 74 18.35 8.10 7.66
C GLY A 74 18.19 8.86 6.36
N PHE A 75 16.94 9.02 5.95
CA PHE A 75 16.61 9.72 4.71
C PHE A 75 16.97 11.19 4.74
N GLY A 76 16.65 11.85 5.86
CA GLY A 76 16.90 13.24 6.03
C GLY A 76 16.28 14.11 4.95
N THR A 77 17.14 14.93 4.37
CA THR A 77 16.81 15.85 3.32
C THR A 77 16.45 15.15 1.99
N GLY A 78 16.92 13.93 1.81
CA GLY A 78 16.69 13.22 0.56
C GLY A 78 17.82 13.34 -0.46
N LEU A 79 18.92 13.96 -0.03
CA LEU A 79 20.01 14.28 -0.92
C LEU A 79 20.58 13.02 -1.56
N ASN A 80 20.72 11.96 -0.78
CA ASN A 80 21.31 10.74 -1.32
C ASN A 80 20.36 10.17 -2.34
N PHE A 81 19.07 10.21 -1.98
CA PHE A 81 18.06 9.63 -2.86
C PHE A 81 18.00 10.39 -4.18
N LEU A 82 17.94 11.72 -4.09
CA LEU A 82 17.89 12.58 -5.27
C LEU A 82 19.13 12.43 -6.18
N THR A 83 20.29 12.30 -5.57
CA THR A 83 21.55 12.19 -6.28
C THR A 83 21.66 10.86 -6.99
N LEU A 84 21.08 9.84 -6.37
CA LEU A 84 21.04 8.51 -6.95
C LEU A 84 20.11 8.48 -8.16
N TRP A 85 18.95 9.10 -8.00
CA TRP A 85 17.93 9.16 -9.04
C TRP A 85 18.52 9.85 -10.26
N GLN A 86 19.18 10.98 -10.02
CA GLN A 86 19.80 11.71 -11.10
C GLN A 86 20.77 10.79 -11.84
N ALA A 87 21.55 10.01 -11.10
CA ALA A 87 22.61 9.18 -11.70
C ALA A 87 22.02 8.01 -12.45
N PHE A 88 21.02 7.38 -11.85
CA PHE A 88 20.21 6.38 -12.51
C PHE A 88 19.58 6.87 -13.82
N ASP A 89 19.04 8.08 -13.82
CA ASP A 89 18.42 8.64 -15.03
C ASP A 89 19.40 8.86 -16.17
N GLN A 90 20.63 9.19 -15.79
CA GLN A 90 21.70 9.44 -16.71
C GLN A 90 22.18 8.10 -17.22
N PHE A 91 22.20 7.11 -16.34
CA PHE A 91 22.59 5.77 -16.72
C PHE A 91 21.64 5.23 -17.79
N ARG A 92 20.33 5.38 -17.56
CA ARG A 92 19.31 4.85 -18.46
C ARG A 92 19.34 5.50 -19.85
N GLU A 93 19.65 6.80 -19.89
CA GLU A 93 19.85 7.51 -21.14
C GLU A 93 21.08 7.00 -21.89
N ALA A 94 22.15 6.72 -21.17
CA ALA A 94 23.38 6.30 -21.82
C ALA A 94 23.30 4.84 -22.26
N HIS A 95 22.55 4.03 -21.52
CA HIS A 95 22.53 2.59 -21.76
C HIS A 95 21.09 2.05 -21.70
N PRO A 96 20.18 2.52 -22.60
CA PRO A 96 18.79 2.05 -22.57
C PRO A 96 18.58 0.53 -22.79
N GLN A 97 19.59 -0.12 -23.37
CA GLN A 97 19.57 -1.57 -23.62
C GLN A 97 19.94 -2.44 -22.39
N ALA A 98 20.43 -1.82 -21.33
CA ALA A 98 20.82 -2.52 -20.10
C ALA A 98 19.63 -3.24 -19.50
N GLN A 99 19.90 -4.33 -18.79
CA GLN A 99 18.81 -5.08 -18.19
C GLN A 99 18.15 -4.27 -17.08
N LEU A 100 18.97 -3.54 -16.35
CA LEU A 100 18.51 -2.69 -15.28
C LEU A 100 17.64 -1.58 -15.82
N GLN A 101 16.37 -1.62 -15.44
CA GLN A 101 15.38 -0.68 -15.89
C GLN A 101 14.68 0.10 -14.78
N ARG A 102 14.78 -0.37 -13.55
CA ARG A 102 14.01 0.24 -12.49
C ARG A 102 14.84 0.37 -11.21
N LEU A 103 14.56 1.40 -10.41
CA LEU A 103 15.30 1.66 -9.17
C LEU A 103 14.34 1.50 -8.02
N HIS A 104 14.82 0.92 -6.93
CA HIS A 104 14.00 0.84 -5.74
C HIS A 104 14.83 1.38 -4.62
N PHE A 105 14.25 2.25 -3.78
CA PHE A 105 15.02 2.86 -2.69
C PHE A 105 14.20 2.74 -1.41
N ILE A 106 14.78 2.09 -0.40
CA ILE A 106 14.09 1.79 0.87
C ILE A 106 14.84 2.53 1.98
N SER A 107 14.21 3.54 2.56
CA SER A 107 14.90 4.34 3.54
C SER A 107 14.10 4.38 4.83
N PHE A 108 14.77 4.58 5.94
CA PHE A 108 14.13 4.56 7.24
C PHE A 108 14.35 5.93 7.84
N GLU A 109 13.35 6.49 8.50
CA GLU A 109 13.50 7.85 9.00
C GLU A 109 12.67 8.11 10.24
N LYS A 110 13.32 8.61 11.28
CA LYS A 110 12.67 8.77 12.56
C LYS A 110 12.06 10.16 12.66
N PHE A 111 12.71 11.13 12.02
CA PHE A 111 12.34 12.54 12.12
C PHE A 111 12.16 13.14 10.75
N PRO A 112 11.08 12.76 10.05
CA PRO A 112 10.87 13.26 8.70
C PRO A 112 10.65 14.75 8.65
N LEU A 113 11.22 15.39 7.64
CA LEU A 113 11.02 16.78 7.41
C LEU A 113 9.55 17.07 7.12
N THR A 114 9.07 18.26 7.47
CA THR A 114 7.74 18.68 7.04
C THR A 114 7.85 18.98 5.57
N ARG A 115 6.72 19.09 4.86
CA ARG A 115 6.78 19.47 3.44
C ARG A 115 7.46 20.81 3.27
N ALA A 116 7.23 21.74 4.21
CA ALA A 116 7.83 23.07 4.12
C ALA A 116 9.35 23.03 4.23
N ASP A 117 9.85 22.28 5.22
CA ASP A 117 11.29 22.17 5.45
C ASP A 117 11.97 21.44 4.33
N LEU A 118 11.29 20.44 3.79
CA LEU A 118 11.83 19.68 2.68
C LEU A 118 12.02 20.57 1.43
N ALA A 119 11.01 21.40 1.16
CA ALA A 119 11.06 22.33 0.04
C ALA A 119 12.17 23.37 0.21
N LEU A 120 12.34 23.85 1.44
CA LEU A 120 13.45 24.72 1.77
C LEU A 120 14.82 24.03 1.61
N ALA A 121 14.94 22.79 2.07
CA ALA A 121 16.22 22.11 2.01
C ALA A 121 16.68 21.98 0.56
N HIS A 122 15.72 21.64 -0.30
CA HIS A 122 15.98 21.40 -1.71
C HIS A 122 16.37 22.63 -2.51
N GLN A 123 15.91 23.79 -2.05
CA GLN A 123 16.27 25.07 -2.66
C GLN A 123 17.78 25.26 -2.81
N HIS A 124 18.58 24.59 -1.98
CA HIS A 124 20.05 24.75 -2.03
C HIS A 124 20.73 23.93 -3.12
N TRP A 125 19.93 23.19 -3.88
CA TRP A 125 20.43 22.35 -4.95
C TRP A 125 19.58 22.48 -6.21
N PRO A 126 19.61 23.68 -6.86
CA PRO A 126 18.83 23.84 -8.09
C PRO A 126 19.15 22.80 -9.19
N GLU A 127 20.37 22.26 -9.22
CA GLU A 127 20.70 21.12 -10.11
C GLU A 127 19.75 19.91 -9.98
N LEU A 128 19.24 19.67 -8.77
CA LEU A 128 18.43 18.50 -8.49
C LEU A 128 16.92 18.75 -8.62
N ALA A 129 16.55 19.97 -8.98
CA ALA A 129 15.13 20.42 -8.94
C ALA A 129 14.15 19.58 -9.76
N PRO A 130 14.60 19.02 -10.91
CA PRO A 130 13.60 18.17 -11.59
C PRO A 130 13.18 16.95 -10.78
N TRP A 131 14.11 16.43 -9.99
CA TRP A 131 13.83 15.27 -9.17
C TRP A 131 13.19 15.70 -7.84
N ALA A 132 13.73 16.76 -7.26
CA ALA A 132 13.24 17.26 -5.97
C ALA A 132 11.75 17.58 -5.98
N GLU A 133 11.27 18.13 -7.10
CA GLU A 133 9.89 18.57 -7.25
C GLU A 133 8.92 17.40 -7.31
N GLN A 134 9.34 16.33 -7.98
CA GLN A 134 8.55 15.11 -8.03
C GLN A 134 8.42 14.46 -6.65
N LEU A 135 9.51 14.44 -5.90
CA LEU A 135 9.51 13.98 -4.52
C LEU A 135 8.53 14.79 -3.70
N GLN A 136 8.62 16.11 -3.78
CA GLN A 136 7.81 16.98 -2.94
C GLN A 136 6.31 16.79 -3.24
N ALA A 137 6.01 16.41 -4.50
CA ALA A 137 4.61 16.26 -4.96
C ALA A 137 3.92 15.08 -4.29
N GLN A 138 4.72 14.15 -3.76
CA GLN A 138 4.18 12.95 -3.13
C GLN A 138 4.65 12.73 -1.69
N TRP A 139 5.42 13.67 -1.13
CA TRP A 139 5.98 13.53 0.23
C TRP A 139 4.88 13.17 1.19
N PRO A 140 5.04 12.05 1.90
CA PRO A 140 3.89 11.48 2.63
C PRO A 140 3.59 12.11 4.01
N MET A 141 2.32 12.04 4.38
CA MET A 141 1.84 12.37 5.73
C MET A 141 2.60 11.51 6.76
N PRO A 142 3.08 12.10 7.87
CA PRO A 142 3.91 11.33 8.81
C PRO A 142 3.15 10.30 9.66
N LEU A 143 2.83 9.15 9.07
CA LEU A 143 2.23 8.04 9.77
C LEU A 143 3.28 6.94 9.93
N PRO A 144 3.17 6.10 10.98
CA PRO A 144 4.15 5.01 11.19
C PRO A 144 4.24 4.02 10.04
N GLY A 145 5.41 3.44 9.81
CA GLY A 145 5.51 2.33 8.90
C GLY A 145 5.82 2.74 7.48
N CYS A 146 5.44 1.88 6.53
CA CYS A 146 5.87 2.02 5.14
C CYS A 146 5.00 2.93 4.32
N HIS A 147 5.64 3.83 3.58
CA HIS A 147 4.93 4.69 2.62
C HIS A 147 5.58 4.59 1.26
N ARG A 148 4.82 4.15 0.27
CA ARG A 148 5.37 3.95 -1.05
C ARG A 148 4.98 5.10 -1.99
N LEU A 149 5.98 5.59 -2.72
CA LEU A 149 5.75 6.61 -3.72
C LEU A 149 6.20 6.03 -5.04
N LEU A 150 5.27 5.90 -5.99
CA LEU A 150 5.65 5.59 -7.34
C LEU A 150 6.09 6.87 -7.97
N LEU A 151 7.36 6.93 -8.35
CA LEU A 151 7.86 8.09 -9.07
C LEU A 151 8.16 7.72 -10.51
N ASP A 152 7.95 8.68 -11.42
CA ASP A 152 8.21 8.49 -12.84
C ASP A 152 7.52 7.22 -13.36
N ALA A 153 6.25 7.05 -12.98
CA ALA A 153 5.39 5.93 -13.38
C ALA A 153 5.85 4.52 -12.95
N GLY A 154 6.63 4.42 -11.88
CA GLY A 154 7.04 3.12 -11.39
C GLY A 154 8.48 2.80 -11.74
N ARG A 155 9.07 3.63 -12.59
CA ARG A 155 10.49 3.51 -12.93
C ARG A 155 11.38 3.68 -11.66
N VAL A 156 11.01 4.63 -10.80
CA VAL A 156 11.60 4.72 -9.45
C VAL A 156 10.53 4.56 -8.35
N THR A 157 10.83 3.64 -7.44
CA THR A 157 9.95 3.34 -6.32
C THR A 157 10.64 3.72 -5.02
N LEU A 158 9.95 4.44 -4.15
CA LEU A 158 10.53 4.82 -2.88
C LEU A 158 9.66 4.38 -1.73
N ASP A 159 10.19 3.48 -0.91
CA ASP A 159 9.59 3.09 0.33
C ASP A 159 10.20 3.85 1.51
N LEU A 160 9.48 4.79 2.08
CA LEU A 160 9.92 5.49 3.28
C LEU A 160 9.27 4.83 4.47
N TRP A 161 10.07 4.34 5.41
CA TRP A 161 9.57 3.72 6.63
C TRP A 161 9.77 4.67 7.76
N PHE A 162 8.68 5.23 8.26
CA PHE A 162 8.76 6.22 9.34
C PHE A 162 8.79 5.61 10.72
N GLY A 163 9.88 5.88 11.42
CA GLY A 163 10.04 5.37 12.78
C GLY A 163 11.50 5.15 13.10
N ASP A 164 11.77 4.65 14.30
CA ASP A 164 13.13 4.34 14.74
C ASP A 164 13.57 3.15 13.94
N ILE A 165 14.75 3.25 13.36
CA ILE A 165 15.24 2.23 12.46
C ILE A 165 15.47 0.88 13.16
N ASN A 166 15.80 0.93 14.45
CA ASN A 166 16.08 -0.27 15.22
C ASN A 166 14.84 -0.96 15.74
N GLU A 167 13.71 -0.29 15.65
CA GLU A 167 12.43 -0.94 15.88
C GLU A 167 11.90 -1.47 14.58
N LEU A 168 12.14 -0.73 13.49
CA LEU A 168 11.57 -1.05 12.19
C LEU A 168 12.17 -2.28 11.53
N THR A 169 13.48 -2.48 11.69
CA THR A 169 14.18 -3.56 11.01
C THR A 169 13.66 -4.95 11.39
N SER A 170 13.17 -5.09 12.62
CA SER A 170 12.63 -6.36 13.03
C SER A 170 11.15 -6.48 12.70
N GLN A 171 10.61 -5.47 12.02
CA GLN A 171 9.24 -5.52 11.57
C GLN A 171 9.09 -5.84 10.08
N LEU A 172 10.21 -5.86 9.35
CA LEU A 172 10.18 -6.11 7.91
C LEU A 172 9.83 -7.55 7.61
N ASP A 173 9.21 -7.77 6.46
CA ASP A 173 8.84 -9.11 6.07
C ASP A 173 10.07 -9.86 5.56
N ASP A 174 10.02 -11.18 5.66
CA ASP A 174 11.12 -12.09 5.31
C ASP A 174 11.46 -11.96 3.87
N SER A 175 10.48 -11.52 3.09
CA SER A 175 10.65 -11.37 1.66
C SER A 175 11.80 -10.42 1.32
N LEU A 176 12.05 -9.45 2.20
CA LEU A 176 13.05 -8.42 1.96
C LEU A 176 14.50 -8.91 2.20
N ASN A 177 14.65 -10.07 2.81
CA ASN A 177 15.98 -10.59 3.07
C ASN A 177 16.72 -10.94 1.79
N GLN A 178 18.01 -10.61 1.76
CA GLN A 178 18.90 -10.89 0.64
C GLN A 178 18.39 -10.30 -0.67
N LYS A 179 17.87 -9.07 -0.57
CA LYS A 179 17.30 -8.37 -1.70
C LYS A 179 17.97 -7.02 -1.96
N VAL A 180 18.78 -6.55 -1.03
CA VAL A 180 19.39 -5.23 -1.15
C VAL A 180 20.72 -5.32 -1.87
N ASP A 181 20.87 -4.52 -2.93
CA ASP A 181 22.04 -4.55 -3.78
C ASP A 181 23.10 -3.62 -3.21
N ALA A 182 22.67 -2.55 -2.56
CA ALA A 182 23.59 -1.52 -2.07
C ALA A 182 23.02 -0.85 -0.83
N TRP A 183 23.84 -0.68 0.19
CA TRP A 183 23.45 0.05 1.40
C TRP A 183 24.08 1.43 1.45
N PHE A 184 23.28 2.41 1.84
CA PHE A 184 23.76 3.75 2.12
C PHE A 184 23.59 3.89 3.60
N LEU A 185 24.67 3.70 4.34
CA LEU A 185 24.59 3.70 5.78
C LEU A 185 24.92 5.13 6.22
N ASP A 186 23.89 5.97 6.29
CA ASP A 186 24.05 7.38 6.61
C ASP A 186 23.52 7.53 8.02
N GLY A 187 23.33 8.76 8.47
CA GLY A 187 23.00 9.01 9.86
C GLY A 187 23.90 10.13 10.35
N PHE A 188 23.70 10.58 11.57
CA PHE A 188 24.56 11.56 12.13
C PHE A 188 25.85 10.93 12.61
N ALA A 189 26.91 11.74 12.67
CA ALA A 189 28.24 11.26 12.98
C ALA A 189 28.20 10.45 14.25
N PRO A 190 28.66 9.18 14.15
CA PRO A 190 28.59 8.11 15.16
C PRO A 190 28.95 8.58 16.54
N ALA A 191 30.06 9.31 16.66
CA ALA A 191 30.61 9.74 17.94
C ALA A 191 29.72 10.70 18.77
N LYS A 192 28.53 11.03 18.22
CA LYS A 192 27.56 11.95 18.84
C LYS A 192 26.13 11.66 18.32
N ASN A 193 25.95 10.49 17.74
CA ASN A 193 24.65 9.84 17.69
C ASN A 193 24.94 8.36 17.83
N PRO A 194 25.69 7.96 18.90
CA PRO A 194 26.01 6.54 18.87
C PRO A 194 24.75 5.72 18.83
N ASP A 195 23.67 6.29 19.37
CA ASP A 195 22.40 5.60 19.58
C ASP A 195 21.84 4.82 18.39
N MET A 196 22.11 5.29 17.17
CA MET A 196 21.54 4.63 16.01
C MET A 196 22.47 3.63 15.31
N TRP A 197 23.76 3.69 15.61
CA TRP A 197 24.75 2.87 14.93
C TRP A 197 25.00 1.54 15.66
N THR A 198 23.95 0.73 15.81
CA THR A 198 24.01 -0.42 16.72
C THR A 198 24.41 -1.71 16.00
N GLN A 199 24.71 -2.76 16.78
CA GLN A 199 24.93 -4.09 16.23
C GLN A 199 23.67 -4.62 15.56
N ASN A 200 22.53 -4.39 16.18
CA ASN A 200 21.26 -4.80 15.64
C ASN A 200 21.07 -4.23 14.23
N LEU A 201 21.42 -2.96 14.06
CA LEU A 201 21.37 -2.32 12.75
C LEU A 201 22.29 -3.00 11.76
N PHE A 202 23.56 -3.17 12.11
CA PHE A 202 24.51 -3.82 11.21
C PHE A 202 24.09 -5.23 10.82
N ASN A 203 23.51 -5.97 11.75
CA ASN A 203 23.06 -7.33 11.46
C ASN A 203 21.88 -7.33 10.49
N ALA A 204 21.00 -6.35 10.65
CA ALA A 204 19.85 -6.23 9.78
C ALA A 204 20.31 -5.90 8.39
N MET A 205 21.27 -5.00 8.27
CA MET A 205 21.85 -4.67 6.97
C MET A 205 22.43 -5.90 6.28
N ALA A 206 23.12 -6.73 7.07
CA ALA A 206 23.69 -7.99 6.61
C ALA A 206 22.61 -8.96 6.13
N ARG A 207 21.46 -8.95 6.79
CA ARG A 207 20.38 -9.89 6.52
C ARG A 207 19.77 -9.56 5.20
N LEU A 208 19.66 -8.26 4.93
CA LEU A 208 18.91 -7.73 3.81
C LEU A 208 19.79 -7.66 2.58
N ALA A 209 21.09 -7.67 2.80
CA ALA A 209 22.04 -7.65 1.69
C ALA A 209 21.98 -8.89 0.80
N ARG A 210 21.83 -8.67 -0.49
CA ARG A 210 22.02 -9.69 -1.49
C ARG A 210 23.46 -10.23 -1.37
N PRO A 211 23.65 -11.55 -1.49
CA PRO A 211 25.03 -12.05 -1.44
C PRO A 211 25.82 -11.37 -2.53
N GLY A 212 26.97 -10.79 -2.19
CA GLY A 212 27.75 -10.04 -3.18
C GLY A 212 27.36 -8.58 -3.19
N GLY A 213 26.33 -8.21 -2.44
CA GLY A 213 25.92 -6.81 -2.37
C GLY A 213 26.83 -5.89 -1.55
N THR A 214 26.70 -4.60 -1.76
CA THR A 214 27.64 -3.66 -1.20
C THR A 214 27.04 -2.78 -0.10
N LEU A 215 27.93 -2.03 0.58
CA LEU A 215 27.51 -0.92 1.43
C LEU A 215 28.60 0.16 1.42
N ALA A 216 28.24 1.39 1.78
CA ALA A 216 29.22 2.45 1.92
C ALA A 216 28.74 3.41 3.00
N THR A 217 29.69 4.10 3.62
CA THR A 217 29.38 5.06 4.68
C THR A 217 30.45 6.14 4.79
N PHE A 218 30.07 7.29 5.36
CA PHE A 218 31.00 8.39 5.54
C PHE A 218 31.97 8.18 6.68
N THR A 219 31.56 7.44 7.71
CA THR A 219 32.42 7.33 8.88
C THR A 219 33.49 6.27 8.71
N SER A 220 34.56 6.38 9.49
CA SER A 220 35.54 5.31 9.58
C SER A 220 35.77 4.97 11.05
N ALA A 221 34.82 5.37 11.91
CA ALA A 221 34.84 4.99 13.32
C ALA A 221 35.12 3.51 13.47
N GLY A 222 36.12 3.20 14.30
CA GLY A 222 36.50 1.82 14.60
C GLY A 222 35.34 0.87 14.89
N PHE A 223 34.43 1.25 15.80
CA PHE A 223 33.39 0.35 16.29
C PHE A 223 32.40 -0.02 15.19
N VAL A 224 32.23 0.90 14.23
CA VAL A 224 31.42 0.67 13.04
C VAL A 224 32.12 -0.33 12.11
N ARG A 225 33.42 -0.16 11.90
CA ARG A 225 34.14 -1.12 11.06
C ARG A 225 33.99 -2.53 11.63
N ARG A 226 34.27 -2.68 12.93
CA ARG A 226 34.23 -3.99 13.59
C ARG A 226 32.79 -4.55 13.71
N GLY A 227 31.83 -3.68 14.01
CA GLY A 227 30.44 -4.10 14.05
C GLY A 227 30.00 -4.73 12.73
N LEU A 228 30.39 -4.13 11.61
CA LEU A 228 29.95 -4.59 10.29
C LEU A 228 30.70 -5.86 9.85
N GLN A 229 31.96 -5.98 10.26
CA GLN A 229 32.68 -7.21 10.05
C GLN A 229 32.02 -8.37 10.79
N ASP A 230 31.62 -8.12 12.03
CA ASP A 230 30.94 -9.10 12.85
C ASP A 230 29.57 -9.42 12.28
N ALA A 231 28.96 -8.46 11.59
CA ALA A 231 27.71 -8.75 10.89
C ALA A 231 27.94 -9.63 9.66
N GLY A 232 29.17 -9.67 9.16
CA GLY A 232 29.49 -10.54 8.04
C GLY A 232 29.96 -9.85 6.78
N PHE A 233 30.03 -8.52 6.76
CA PHE A 233 30.55 -7.81 5.61
C PHE A 233 32.07 -7.87 5.62
N THR A 234 32.66 -7.97 4.43
CA THR A 234 34.09 -7.75 4.27
C THR A 234 34.32 -6.26 4.10
N MET A 235 35.02 -5.64 5.04
CA MET A 235 35.13 -4.20 5.07
C MET A 235 36.49 -3.67 4.59
N GLN A 236 36.47 -2.47 4.02
CA GLN A 236 37.66 -1.89 3.41
C GLN A 236 37.65 -0.41 3.68
N LYS A 237 38.81 0.12 4.07
CA LYS A 237 38.97 1.55 4.24
C LYS A 237 39.20 2.14 2.87
N ARG A 238 38.54 3.24 2.59
CA ARG A 238 38.88 3.96 1.37
C ARG A 238 38.99 5.45 1.66
N LYS A 239 39.74 6.15 0.84
CA LYS A 239 40.03 7.57 1.05
C LYS A 239 38.78 8.40 1.27
N GLY A 240 38.85 9.30 2.24
CA GLY A 240 37.73 10.19 2.54
C GLY A 240 37.65 11.30 1.51
N PHE A 241 36.46 11.86 1.37
CA PHE A 241 36.30 13.04 0.56
C PHE A 241 36.86 14.23 1.32
N GLY A 242 37.64 15.06 0.65
CA GLY A 242 38.09 16.32 1.23
C GLY A 242 39.02 16.16 2.40
N ARG A 243 38.67 16.80 3.52
CA ARG A 243 39.53 16.84 4.72
C ARG A 243 39.58 15.49 5.43
N LYS A 244 38.41 14.86 5.60
CA LYS A 244 38.25 13.51 6.13
C LYS A 244 39.27 12.57 5.50
N ARG A 245 40.05 11.90 6.33
CA ARG A 245 41.11 11.04 5.80
C ARG A 245 40.54 9.74 5.22
N GLU A 246 39.36 9.30 5.69
CA GLU A 246 38.95 7.90 5.53
C GLU A 246 37.43 7.68 5.61
N MET A 247 36.91 6.80 4.74
CA MET A 247 35.54 6.33 4.85
C MET A 247 35.55 4.81 4.81
N LEU A 248 34.37 4.18 4.84
CA LEU A 248 34.31 2.72 4.80
C LEU A 248 33.40 2.16 3.71
N CYS A 249 33.83 1.12 3.03
CA CYS A 249 32.86 0.33 2.26
C CYS A 249 32.97 -1.14 2.52
N GLY A 250 31.94 -1.87 2.12
CA GLY A 250 31.91 -3.30 2.35
C GLY A 250 31.21 -4.12 1.29
N VAL A 251 31.50 -5.42 1.27
CA VAL A 251 30.86 -6.37 0.37
C VAL A 251 30.40 -7.54 1.20
N MET A 252 29.19 -8.04 0.93
CA MET A 252 28.74 -9.29 1.49
C MET A 252 29.36 -10.42 0.67
N GLU A 253 30.50 -10.92 1.12
CA GLU A 253 31.20 -11.99 0.39
C GLU A 253 30.89 -13.40 0.90
N GLN A 254 29.66 -13.64 1.32
CA GLN A 254 29.26 -14.97 1.69
C GLN A 254 27.78 -15.08 1.45
N THR A 255 27.24 -16.30 1.56
CA THR A 255 25.80 -16.49 1.60
C THR A 255 25.36 -16.89 3.00
N LEU A 256 24.59 -16.01 3.63
CA LEU A 256 24.03 -16.22 4.96
C LEU A 256 22.80 -17.15 4.90
N PRO A 257 22.56 -17.91 5.99
CA PRO A 257 21.35 -18.67 6.27
C PRO A 257 20.11 -17.81 6.23
N LEU A 258 19.20 -18.11 5.31
CA LEU A 258 17.96 -17.39 5.14
C LEU A 258 16.97 -17.68 6.29
N PRO A 259 16.41 -16.60 6.88
CA PRO A 259 15.45 -16.64 7.99
C PRO A 259 14.12 -17.22 7.58
N CYS A 260 13.58 -18.15 8.36
CA CYS A 260 12.17 -18.50 8.21
C CYS A 260 11.47 -18.58 9.55
N SER A 261 11.25 -17.42 10.17
CA SER A 261 10.30 -17.35 11.27
C SER A 261 8.92 -17.27 10.66
N ALA A 262 7.96 -17.92 11.32
CA ALA A 262 6.57 -18.03 10.87
C ALA A 262 6.39 -18.49 9.42
N PRO A 263 6.87 -19.70 9.08
CA PRO A 263 6.71 -20.26 7.72
C PRO A 263 5.25 -20.39 7.28
N TRP A 264 4.35 -20.49 8.23
CA TRP A 264 2.92 -20.53 7.97
C TRP A 264 2.37 -19.24 7.33
N PHE A 265 3.15 -18.17 7.36
CA PHE A 265 2.78 -16.93 6.71
C PHE A 265 3.66 -16.59 5.51
N ASN A 266 4.46 -17.54 5.03
CA ASN A 266 5.33 -17.31 3.86
C ASN A 266 4.62 -16.77 2.63
N ARG A 267 5.04 -15.60 2.20
CA ARG A 267 4.59 -15.05 0.94
C ARG A 267 5.66 -15.35 -0.11
N THR A 268 5.39 -16.29 -1.00
CA THR A 268 6.36 -16.61 -2.04
C THR A 268 5.86 -16.07 -3.37
N GLY A 269 6.79 -16.00 -4.32
CA GLY A 269 6.48 -15.40 -5.59
C GLY A 269 6.57 -16.41 -6.69
N SER A 270 6.98 -15.93 -7.85
CA SER A 270 7.11 -16.76 -9.01
C SER A 270 8.28 -16.29 -9.84
N SER A 271 8.85 -17.22 -10.57
CA SER A 271 10.01 -16.97 -11.41
C SER A 271 9.52 -16.66 -12.83
N LYS A 272 8.33 -17.16 -13.15
CA LYS A 272 7.69 -16.95 -14.43
C LYS A 272 7.21 -15.48 -14.59
N ARG A 273 7.07 -15.02 -15.84
CA ARG A 273 6.71 -13.62 -16.09
C ARG A 273 5.56 -13.50 -17.09
N GLU A 274 4.67 -14.49 -17.14
CA GLU A 274 3.41 -14.31 -17.85
C GLU A 274 2.25 -14.82 -17.03
N ALA A 275 1.21 -13.99 -16.95
CA ALA A 275 0.14 -14.21 -16.00
C ALA A 275 -1.21 -14.10 -16.66
N ALA A 276 -2.14 -14.99 -16.28
CA ALA A 276 -3.55 -14.79 -16.59
C ALA A 276 -4.20 -14.21 -15.35
N ILE A 277 -4.99 -13.15 -15.52
CA ILE A 277 -5.80 -12.65 -14.42
C ILE A 277 -7.30 -12.89 -14.69
N ILE A 278 -8.01 -13.41 -13.70
CA ILE A 278 -9.43 -13.70 -13.84
C ILE A 278 -10.18 -12.59 -13.09
N GLY A 279 -10.80 -11.68 -13.82
CA GLY A 279 -11.34 -10.47 -13.19
C GLY A 279 -12.16 -9.58 -14.12
N GLY A 280 -11.91 -8.28 -14.06
CA GLY A 280 -12.76 -7.26 -14.72
C GLY A 280 -13.12 -6.07 -13.80
N GLY A 281 -12.78 -6.19 -12.50
CA GLY A 281 -13.08 -5.16 -11.53
C GLY A 281 -11.82 -4.36 -11.19
N ILE A 282 -11.94 -3.50 -10.17
CA ILE A 282 -10.87 -2.59 -9.80
C ILE A 282 -9.55 -3.33 -9.46
N ALA A 283 -9.68 -4.49 -8.80
CA ALA A 283 -8.55 -5.23 -8.32
C ALA A 283 -7.70 -5.73 -9.49
N SER A 284 -8.35 -6.41 -10.44
CA SER A 284 -7.70 -6.91 -11.64
C SER A 284 -7.12 -5.77 -12.49
N ALA A 285 -7.78 -4.63 -12.45
CA ALA A 285 -7.35 -3.47 -13.21
C ALA A 285 -6.07 -2.86 -12.65
N LEU A 286 -5.98 -2.72 -11.33
CA LEU A 286 -4.82 -2.05 -10.79
C LEU A 286 -3.66 -3.00 -10.80
N LEU A 287 -3.97 -4.29 -10.65
CA LEU A 287 -2.94 -5.30 -10.64
C LEU A 287 -2.22 -5.33 -11.98
N SER A 288 -3.01 -5.22 -13.05
CA SER A 288 -2.47 -5.25 -14.40
C SER A 288 -1.38 -4.20 -14.60
N LEU A 289 -1.70 -2.97 -14.21
CA LEU A 289 -0.77 -1.86 -14.29
C LEU A 289 0.52 -2.18 -13.57
N ALA A 290 0.39 -2.71 -12.35
CA ALA A 290 1.51 -3.01 -11.48
C ALA A 290 2.39 -4.11 -12.02
N LEU A 291 1.80 -5.01 -12.78
CA LEU A 291 2.56 -6.09 -13.40
C LEU A 291 3.15 -5.69 -14.75
N LEU A 292 2.43 -4.88 -15.53
CA LEU A 292 2.90 -4.43 -16.86
C LEU A 292 4.10 -3.50 -16.75
N ARG A 293 4.15 -2.71 -15.68
CA ARG A 293 5.25 -1.75 -15.51
C ARG A 293 6.56 -2.48 -15.18
N ARG A 294 6.45 -3.79 -14.95
CA ARG A 294 7.59 -4.64 -14.62
C ARG A 294 7.89 -5.56 -15.79
N GLY A 295 7.22 -5.33 -16.92
CA GLY A 295 7.46 -6.20 -18.06
C GLY A 295 6.95 -7.62 -17.90
N TRP A 296 5.83 -7.81 -17.20
CA TRP A 296 5.11 -9.07 -17.28
C TRP A 296 4.28 -9.13 -18.56
N GLN A 297 4.05 -10.33 -19.08
CA GLN A 297 2.98 -10.56 -20.06
C GLN A 297 1.70 -10.79 -19.28
N VAL A 298 0.68 -9.97 -19.53
CA VAL A 298 -0.54 -10.12 -18.76
C VAL A 298 -1.76 -10.30 -19.65
N THR A 299 -2.53 -11.33 -19.33
CA THR A 299 -3.79 -11.64 -20.01
C THR A 299 -4.89 -11.46 -18.98
N LEU A 300 -5.96 -10.75 -19.35
CA LEU A 300 -7.14 -10.65 -18.46
C LEU A 300 -8.35 -11.37 -19.02
N TYR A 301 -8.95 -12.27 -18.25
CA TYR A 301 -10.24 -12.87 -18.66
C TYR A 301 -11.38 -12.31 -17.83
N CYS A 302 -12.47 -11.97 -18.50
CA CYS A 302 -13.66 -11.43 -17.85
C CYS A 302 -14.92 -12.14 -18.36
N ALA A 303 -15.73 -12.62 -17.44
CA ALA A 303 -16.94 -13.36 -17.77
C ALA A 303 -17.92 -12.49 -18.52
N ASP A 304 -17.90 -11.21 -18.22
CA ASP A 304 -18.89 -10.29 -18.75
C ASP A 304 -18.53 -9.74 -20.13
N GLU A 305 -19.48 -9.02 -20.71
CA GLU A 305 -19.30 -8.34 -22.00
C GLU A 305 -18.34 -7.15 -21.92
N ALA A 306 -18.21 -6.57 -20.73
CA ALA A 306 -17.37 -5.41 -20.53
C ALA A 306 -16.92 -5.41 -19.07
N PRO A 307 -15.96 -4.55 -18.71
CA PRO A 307 -15.53 -4.58 -17.30
C PRO A 307 -16.40 -3.74 -16.38
N ALA A 308 -16.17 -3.89 -15.07
CA ALA A 308 -16.85 -3.15 -14.02
C ALA A 308 -18.36 -3.35 -14.10
N LEU A 309 -18.76 -4.61 -14.32
CA LEU A 309 -20.17 -4.99 -14.18
C LEU A 309 -20.33 -5.80 -12.90
N GLY A 310 -19.26 -5.94 -12.12
CA GLY A 310 -19.37 -6.58 -10.82
C GLY A 310 -19.64 -5.54 -9.76
N ALA A 311 -18.94 -5.65 -8.65
CA ALA A 311 -19.10 -4.75 -7.52
C ALA A 311 -18.42 -3.40 -7.79
N SER A 312 -17.54 -3.36 -8.80
CA SER A 312 -16.77 -2.13 -9.10
C SER A 312 -17.52 -1.15 -10.02
N GLY A 313 -18.81 -1.37 -10.22
CA GLY A 313 -19.56 -0.62 -11.22
C GLY A 313 -20.43 0.55 -10.77
N ASN A 314 -20.28 1.04 -9.54
CA ASN A 314 -21.05 2.20 -9.10
C ASN A 314 -20.67 3.50 -9.80
N ARG A 315 -21.52 4.52 -9.67
CA ARG A 315 -21.23 5.81 -10.29
C ARG A 315 -20.37 6.70 -9.39
N GLN A 316 -20.52 6.54 -8.07
CA GLN A 316 -19.80 7.36 -7.09
C GLN A 316 -19.53 6.55 -5.80
N GLY A 317 -18.27 6.28 -5.49
CA GLY A 317 -17.98 5.56 -4.26
C GLY A 317 -17.15 6.43 -3.34
N ALA A 318 -17.27 6.22 -2.04
CA ALA A 318 -16.55 7.06 -1.10
C ALA A 318 -15.17 6.47 -0.85
N LEU A 319 -14.21 7.35 -0.57
CA LEU A 319 -12.83 6.97 -0.31
C LEU A 319 -12.37 7.59 0.99
N TYR A 320 -12.26 6.77 2.02
CA TYR A 320 -11.79 7.19 3.33
C TYR A 320 -11.25 5.94 4.03
N PRO A 321 -10.48 6.11 5.10
CA PRO A 321 -9.95 4.87 5.67
C PRO A 321 -10.78 4.35 6.83
N LEU A 322 -10.85 3.04 6.99
CA LEU A 322 -11.39 2.47 8.21
C LEU A 322 -10.34 2.50 9.32
N LEU A 323 -10.44 3.46 10.23
CA LEU A 323 -9.56 3.48 11.39
C LEU A 323 -10.13 2.63 12.52
N SER A 324 -9.25 2.12 13.37
CA SER A 324 -9.66 1.38 14.57
C SER A 324 -8.66 1.44 15.74
N LYS A 325 -9.22 1.57 16.94
CA LYS A 325 -8.41 1.66 18.16
C LYS A 325 -7.92 0.29 18.63
N HIS A 326 -8.71 -0.75 18.36
CA HIS A 326 -8.37 -2.09 18.86
C HIS A 326 -7.69 -3.04 17.86
N ASP A 327 -8.10 -3.05 16.59
CA ASP A 327 -7.36 -3.83 15.59
C ASP A 327 -6.15 -3.05 15.03
N GLU A 328 -4.99 -3.32 15.62
CA GLU A 328 -3.75 -2.65 15.27
C GLU A 328 -3.42 -2.82 13.80
N ALA A 329 -3.62 -4.01 13.27
CA ALA A 329 -3.22 -4.32 11.88
C ALA A 329 -4.21 -3.76 10.86
N LEU A 330 -5.48 -3.75 11.24
CA LEU A 330 -6.51 -3.14 10.41
C LEU A 330 -6.29 -1.63 10.31
N ASN A 331 -6.00 -1.02 11.45
CA ASN A 331 -5.74 0.41 11.47
C ASN A 331 -4.50 0.82 10.65
N ARG A 332 -3.39 0.09 10.79
CA ARG A 332 -2.19 0.39 10.04
CA ARG A 332 -2.19 0.39 10.04
C ARG A 332 -2.39 0.18 8.55
N PHE A 333 -3.14 -0.87 8.19
CA PHE A 333 -3.34 -1.16 6.80
C PHE A 333 -4.12 -0.04 6.14
N PHE A 334 -5.27 0.29 6.73
CA PHE A 334 -6.16 1.25 6.09
C PHE A 334 -5.61 2.65 6.07
N SER A 335 -4.94 3.04 7.14
CA SER A 335 -4.27 4.34 7.18
C SER A 335 -3.21 4.50 6.08
N ASN A 336 -2.36 3.49 5.92
CA ASN A 336 -1.31 3.56 4.92
C ASN A 336 -1.83 3.30 3.52
N ALA A 337 -2.87 2.48 3.40
CA ALA A 337 -3.48 2.20 2.09
C ALA A 337 -4.17 3.45 1.59
N PHE A 338 -4.90 4.09 2.50
CA PHE A 338 -5.62 5.30 2.21
C PHE A 338 -4.71 6.38 1.63
N THR A 339 -3.61 6.70 2.30
CA THR A 339 -2.78 7.78 1.85
C THR A 339 -2.05 7.38 0.60
N PHE A 340 -1.74 6.09 0.48
CA PHE A 340 -1.19 5.57 -0.77
C PHE A 340 -2.21 5.65 -1.90
N ALA A 341 -3.47 5.33 -1.57
CA ALA A 341 -4.50 5.37 -2.56
C ALA A 341 -4.60 6.80 -3.13
N ARG A 342 -4.51 7.79 -2.25
CA ARG A 342 -4.62 9.19 -2.69
C ARG A 342 -3.47 9.64 -3.61
N ARG A 343 -2.24 9.29 -3.22
CA ARG A 343 -1.08 9.58 -4.08
C ARG A 343 -1.16 8.87 -5.40
N PHE A 344 -1.46 7.58 -5.36
CA PHE A 344 -1.63 6.76 -6.57
C PHE A 344 -2.69 7.34 -7.51
N TYR A 345 -3.88 7.65 -7.00
CA TYR A 345 -4.92 8.26 -7.84
C TYR A 345 -4.52 9.63 -8.38
N ASP A 346 -3.82 10.42 -7.58
CA ASP A 346 -3.31 11.70 -8.08
C ASP A 346 -2.34 11.53 -9.26
N GLN A 347 -1.52 10.50 -9.23
CA GLN A 347 -0.42 10.31 -10.17
C GLN A 347 -0.89 9.57 -11.44
N LEU A 348 -2.02 8.89 -11.34
CA LEU A 348 -2.54 8.00 -12.37
C LEU A 348 -2.91 8.74 -13.63
N PRO A 349 -2.21 8.46 -14.75
CA PRO A 349 -2.49 9.17 -16.02
C PRO A 349 -3.74 8.64 -16.75
N VAL A 350 -4.91 8.81 -16.15
CA VAL A 350 -6.13 8.21 -16.66
C VAL A 350 -7.28 9.13 -16.24
N LYS A 351 -8.25 9.37 -17.11
CA LYS A 351 -9.34 10.26 -16.71
C LYS A 351 -10.40 9.45 -15.95
N PHE A 352 -10.86 10.00 -14.83
CA PHE A 352 -11.99 9.44 -14.11
C PHE A 352 -12.62 10.56 -13.27
N ASP A 353 -13.95 10.64 -13.26
CA ASP A 353 -14.63 11.63 -12.42
C ASP A 353 -14.33 11.35 -10.96
N HIS A 354 -13.83 12.37 -10.27
CA HIS A 354 -13.56 12.30 -8.84
C HIS A 354 -13.60 13.70 -8.20
N ASP A 355 -13.59 13.76 -6.87
CA ASP A 355 -13.37 15.03 -6.16
C ASP A 355 -12.91 14.74 -4.74
N TRP A 356 -11.76 15.30 -4.36
CA TRP A 356 -11.27 15.05 -3.01
C TRP A 356 -11.83 16.13 -2.09
N CYS A 357 -13.11 15.99 -1.77
CA CYS A 357 -13.89 17.06 -1.17
C CYS A 357 -13.94 16.86 0.33
N GLY A 358 -13.45 15.71 0.78
CA GLY A 358 -13.48 15.34 2.18
C GLY A 358 -14.68 14.44 2.47
N VAL A 359 -14.55 13.62 3.50
CA VAL A 359 -15.61 12.72 3.90
C VAL A 359 -15.86 13.00 5.39
N THR A 360 -17.13 13.21 5.74
CA THR A 360 -17.47 13.47 7.11
C THR A 360 -18.39 12.39 7.68
N GLN A 361 -17.94 11.79 8.78
CA GLN A 361 -18.69 10.77 9.48
C GLN A 361 -19.40 11.44 10.66
N LEU A 362 -20.66 11.13 10.87
CA LEU A 362 -21.46 11.90 11.84
C LEU A 362 -21.93 11.14 13.07
N GLY A 363 -21.86 11.80 14.23
CA GLY A 363 -22.33 11.23 15.50
C GLY A 363 -23.80 11.48 15.70
N TRP A 364 -24.63 10.72 15.00
CA TRP A 364 -26.10 10.83 15.05
C TRP A 364 -26.73 10.05 16.20
N ASP A 365 -25.95 9.16 16.80
CA ASP A 365 -26.43 8.06 17.63
C ASP A 365 -25.57 8.09 18.89
N GLU A 366 -25.97 7.37 19.93
CA GLU A 366 -25.03 7.17 21.03
C GLU A 366 -23.96 6.17 20.60
N LYS A 367 -24.36 5.20 19.79
CA LYS A 367 -23.46 4.16 19.36
C LYS A 367 -22.43 4.70 18.37
N SER A 368 -22.85 5.65 17.54
CA SER A 368 -21.93 6.21 16.55
C SER A 368 -21.01 7.29 17.13
N GLN A 369 -21.52 8.13 18.03
CA GLN A 369 -20.68 9.09 18.76
C GLN A 369 -19.54 8.40 19.47
N HIS A 370 -19.82 7.20 19.94
CA HIS A 370 -18.88 6.46 20.71
C HIS A 370 -17.78 5.83 19.84
N LYS A 371 -18.13 5.43 18.61
CA LYS A 371 -17.14 4.90 17.68
C LYS A 371 -16.20 5.98 17.17
N ILE A 372 -16.77 7.17 16.99
CA ILE A 372 -16.02 8.36 16.61
C ILE A 372 -15.09 8.81 17.75
N ALA A 373 -15.61 8.75 18.97
CA ALA A 373 -14.83 9.13 20.17
C ALA A 373 -13.66 8.21 20.34
N GLN A 374 -13.84 6.93 19.97
CA GLN A 374 -12.75 5.98 20.05
C GLN A 374 -11.63 6.38 19.11
N MET A 375 -12.02 6.83 17.92
CA MET A 375 -11.09 7.25 16.88
C MET A 375 -10.45 8.58 17.23
N LEU A 376 -11.26 9.47 17.80
CA LEU A 376 -10.79 10.76 18.26
C LEU A 376 -9.74 10.67 19.39
N SER A 377 -9.78 9.57 20.16
CA SER A 377 -8.82 9.36 21.25
C SER A 377 -7.45 8.79 20.84
N MET A 378 -7.27 8.51 19.56
CA MET A 378 -5.96 8.19 19.03
C MET A 378 -5.35 9.49 18.53
N ASP A 379 -4.04 9.65 18.64
CA ASP A 379 -3.44 10.89 18.16
C ASP A 379 -3.03 10.79 16.70
N LEU A 380 -4.04 10.76 15.83
CA LEU A 380 -3.81 10.81 14.41
C LEU A 380 -3.51 12.23 14.02
N PRO A 381 -2.68 12.43 13.01
CA PRO A 381 -2.50 13.74 12.40
C PRO A 381 -3.82 14.24 11.82
N ALA A 382 -4.10 15.54 12.01
CA ALA A 382 -5.31 16.18 11.49
C ALA A 382 -5.54 15.94 10.02
N GLU A 383 -4.46 15.82 9.26
CA GLU A 383 -4.56 15.55 7.83
C GLU A 383 -5.14 14.16 7.49
N LEU A 384 -5.17 13.26 8.47
CA LEU A 384 -5.79 11.96 8.26
C LEU A 384 -7.26 12.02 8.66
N ALA A 385 -7.48 12.38 9.91
CA ALA A 385 -8.81 12.50 10.48
C ALA A 385 -8.79 13.53 11.60
N VAL A 386 -9.85 14.35 11.67
CA VAL A 386 -9.96 15.36 12.72
C VAL A 386 -11.42 15.59 13.13
N ALA A 387 -11.63 15.85 14.42
CA ALA A 387 -12.96 16.10 14.93
C ALA A 387 -13.55 17.37 14.33
N VAL A 388 -14.88 17.35 14.22
CA VAL A 388 -15.60 18.55 13.83
C VAL A 388 -16.81 18.79 14.75
N GLU A 389 -16.90 19.99 15.33
CA GLU A 389 -18.04 20.41 16.16
C GLU A 389 -19.30 20.48 15.31
N ALA A 390 -20.46 20.53 15.96
CA ALA A 390 -21.72 20.59 15.24
C ALA A 390 -21.88 21.89 14.45
N ASN A 391 -21.39 22.98 15.03
CA ASN A 391 -21.45 24.31 14.41
C ASN A 391 -20.60 24.45 13.16
N ALA A 392 -19.58 23.62 13.07
CA ALA A 392 -18.61 23.75 12.02
C ALA A 392 -18.90 22.75 10.93
N VAL A 393 -19.76 21.77 11.26
CA VAL A 393 -20.15 20.70 10.33
C VAL A 393 -20.89 21.28 9.13
N GLU A 394 -21.80 22.19 9.40
CA GLU A 394 -22.57 22.85 8.36
C GLU A 394 -21.68 23.69 7.46
N GLN A 395 -20.69 24.35 8.04
CA GLN A 395 -19.73 25.12 7.26
C GLN A 395 -18.86 24.18 6.41
N ILE A 396 -18.50 23.05 6.99
CA ILE A 396 -17.66 22.09 6.31
C ILE A 396 -18.39 21.30 5.22
N THR A 397 -19.59 20.78 5.52
CA THR A 397 -20.27 19.84 4.62
C THR A 397 -21.26 20.54 3.73
N GLY A 398 -21.75 21.69 4.18
CA GLY A 398 -22.71 22.47 3.41
C GLY A 398 -24.13 22.30 3.91
N VAL A 399 -24.34 21.27 4.72
CA VAL A 399 -25.68 20.96 5.23
C VAL A 399 -25.75 20.93 6.77
N ALA A 400 -26.94 21.19 7.29
CA ALA A 400 -27.17 21.20 8.73
C ALA A 400 -27.47 19.79 9.21
N THR A 401 -26.62 19.23 10.08
CA THR A 401 -26.81 17.86 10.54
C THR A 401 -27.20 17.78 12.00
N ASN A 402 -26.92 18.85 12.73
CA ASN A 402 -27.31 18.98 14.14
C ASN A 402 -26.50 18.04 15.05
N CYS A 403 -25.29 17.69 14.64
CA CYS A 403 -24.45 16.83 15.46
C CYS A 403 -22.98 16.93 15.07
N SER A 404 -22.09 16.51 15.97
CA SER A 404 -20.64 16.48 15.75
C SER A 404 -20.23 15.31 14.87
N GLY A 405 -18.94 15.26 14.57
CA GLY A 405 -18.38 14.11 13.93
C GLY A 405 -16.87 14.14 13.80
N ILE A 406 -16.40 13.36 12.84
CA ILE A 406 -15.02 13.30 12.48
C ILE A 406 -14.98 13.45 10.96
N THR A 407 -13.99 14.19 10.46
CA THR A 407 -13.82 14.37 9.04
C THR A 407 -12.46 13.87 8.59
N TYR A 408 -12.42 13.30 7.39
CA TYR A 408 -11.20 12.87 6.74
C TYR A 408 -10.94 13.80 5.58
N PRO A 409 -10.07 14.80 5.79
CA PRO A 409 -9.98 15.92 4.81
C PRO A 409 -9.39 15.54 3.44
N GLN A 410 -8.62 14.46 3.37
CA GLN A 410 -8.06 14.00 2.12
C GLN A 410 -8.97 12.97 1.41
N GLY A 411 -10.11 12.67 2.02
CA GLY A 411 -11.02 11.72 1.43
C GLY A 411 -11.88 12.39 0.38
N GLY A 412 -12.75 11.61 -0.25
CA GLY A 412 -13.79 12.13 -1.13
C GLY A 412 -14.51 11.03 -1.89
N TRP A 413 -14.87 11.31 -3.14
CA TRP A 413 -15.50 10.32 -3.97
C TRP A 413 -14.79 10.17 -5.30
N LEU A 414 -14.92 9.01 -5.90
CA LEU A 414 -14.53 8.85 -7.29
C LEU A 414 -15.53 7.97 -8.01
N CYS A 415 -15.41 7.91 -9.33
CA CYS A 415 -16.27 7.06 -10.10
C CYS A 415 -15.54 5.78 -10.46
N PRO A 416 -15.86 4.70 -9.74
CA PRO A 416 -15.17 3.43 -9.80
C PRO A 416 -15.37 2.67 -11.11
N ALA A 417 -16.54 2.80 -11.73
CA ALA A 417 -16.81 2.13 -12.99
C ALA A 417 -15.88 2.69 -14.06
N GLU A 418 -15.78 4.01 -14.09
CA GLU A 418 -15.02 4.69 -15.13
C GLU A 418 -13.51 4.54 -14.88
N LEU A 419 -13.11 4.66 -13.63
CA LEU A 419 -11.74 4.40 -13.23
C LEU A 419 -11.30 3.01 -13.68
N THR A 420 -12.16 2.00 -13.47
CA THR A 420 -11.86 0.63 -13.88
C THR A 420 -11.78 0.54 -15.39
N ARG A 421 -12.69 1.17 -16.11
CA ARG A 421 -12.64 1.07 -17.57
C ARG A 421 -11.43 1.77 -18.14
N ASN A 422 -11.16 3.00 -17.66
CA ASN A 422 -10.08 3.78 -18.24
C ASN A 422 -8.69 3.27 -17.88
N VAL A 423 -8.56 2.67 -16.69
CA VAL A 423 -7.34 1.96 -16.31
C VAL A 423 -7.15 0.76 -17.23
N LEU A 424 -8.22 0.00 -17.46
CA LEU A 424 -8.12 -1.18 -18.31
C LEU A 424 -7.74 -0.84 -19.74
N GLU A 425 -8.30 0.26 -20.23
CA GLU A 425 -7.98 0.77 -21.52
C GLU A 425 -6.49 1.23 -21.59
N LEU A 426 -6.00 1.89 -20.55
CA LEU A 426 -4.56 2.16 -20.48
C LEU A 426 -3.70 0.88 -20.50
N ALA A 427 -4.09 -0.12 -19.72
CA ALA A 427 -3.35 -1.39 -19.66
C ALA A 427 -3.32 -2.07 -21.03
N GLN A 428 -4.38 -1.91 -21.82
CA GLN A 428 -4.41 -2.49 -23.16
C GLN A 428 -3.38 -1.82 -24.07
N GLN A 429 -3.21 -0.52 -23.93
CA GLN A 429 -2.17 0.20 -24.67
C GLN A 429 -0.79 -0.22 -24.21
N GLN A 430 -0.69 -0.72 -22.98
CA GLN A 430 0.56 -1.21 -22.44
C GLN A 430 0.78 -2.68 -22.68
N GLY A 431 -0.17 -3.35 -23.34
CA GLY A 431 0.02 -4.74 -23.72
C GLY A 431 -0.93 -5.79 -23.17
N LEU A 432 -1.83 -5.37 -22.28
CA LEU A 432 -2.78 -6.31 -21.69
C LEU A 432 -3.69 -6.87 -22.76
N GLN A 433 -3.74 -8.20 -22.82
CA GLN A 433 -4.68 -8.92 -23.68
C GLN A 433 -5.96 -9.18 -22.89
N ILE A 434 -7.08 -8.60 -23.30
CA ILE A 434 -8.36 -8.85 -22.64
C ILE A 434 -9.28 -9.80 -23.44
N TYR A 435 -9.85 -10.79 -22.75
CA TYR A 435 -10.84 -11.65 -23.37
C TYR A 435 -12.12 -11.52 -22.59
N TYR A 436 -13.11 -10.84 -23.16
CA TYR A 436 -14.40 -10.73 -22.50
C TYR A 436 -15.26 -11.94 -22.90
N GLN A 437 -16.38 -12.14 -22.20
CA GLN A 437 -17.23 -13.33 -22.35
C GLN A 437 -16.45 -14.64 -22.15
N TYR A 438 -15.41 -14.58 -21.32
CA TYR A 438 -14.65 -15.77 -20.91
C TYR A 438 -14.89 -16.06 -19.44
N GLN A 439 -15.79 -17.00 -19.15
CA GLN A 439 -16.10 -17.35 -17.77
C GLN A 439 -15.36 -18.62 -17.40
N LEU A 440 -14.38 -18.47 -16.53
CA LEU A 440 -13.55 -19.59 -16.07
C LEU A 440 -14.43 -20.53 -15.28
N GLN A 441 -14.42 -21.79 -15.65
CA GLN A 441 -15.12 -22.79 -14.88
C GLN A 441 -14.15 -23.54 -13.95
N ASN A 442 -12.90 -23.71 -14.41
CA ASN A 442 -12.03 -24.77 -13.92
C ASN A 442 -10.63 -24.45 -14.27
N PHE A 443 -9.71 -24.94 -13.45
CA PHE A 443 -8.34 -24.97 -13.84
C PHE A 443 -7.59 -26.10 -13.14
N SER A 444 -6.62 -26.66 -13.85
CA SER A 444 -5.85 -27.78 -13.33
C SER A 444 -4.41 -27.62 -13.73
N ARG A 445 -3.54 -28.25 -12.95
CA ARG A 445 -2.11 -28.23 -13.19
C ARG A 445 -1.83 -29.29 -14.24
N LYS A 446 -1.40 -28.91 -15.43
CA LYS A 446 -0.95 -29.89 -16.43
C LYS A 446 0.52 -29.70 -16.77
N ASP A 447 1.31 -30.76 -16.66
CA ASP A 447 2.75 -30.66 -16.87
C ASP A 447 3.25 -29.50 -15.99
N ASP A 448 3.64 -28.39 -16.62
CA ASP A 448 4.21 -27.27 -15.88
C ASP A 448 3.45 -25.96 -16.11
N CYS A 449 2.19 -26.07 -16.50
CA CYS A 449 1.38 -24.94 -16.81
C CYS A 449 0.10 -25.06 -15.98
N TRP A 450 -0.66 -23.98 -15.92
CA TRP A 450 -2.04 -24.05 -15.49
C TRP A 450 -2.94 -24.18 -16.71
N LEU A 451 -3.76 -25.22 -16.77
CA LEU A 451 -4.74 -25.32 -17.85
C LEU A 451 -6.05 -24.70 -17.37
N LEU A 452 -6.54 -23.69 -18.10
CA LEU A 452 -7.78 -23.02 -17.74
C LEU A 452 -8.92 -23.49 -18.65
N ASN A 453 -10.04 -23.93 -18.07
CA ASN A 453 -11.17 -24.35 -18.88
C ASN A 453 -12.32 -23.36 -18.76
N PHE A 454 -12.63 -22.69 -19.86
CA PHE A 454 -13.68 -21.68 -19.86
C PHE A 454 -14.99 -22.29 -20.28
N ALA A 455 -16.07 -21.58 -20.02
CA ALA A 455 -17.39 -22.14 -20.25
C ALA A 455 -17.73 -22.09 -21.72
N GLY A 456 -17.13 -22.95 -22.52
CA GLY A 456 -17.45 -23.00 -23.92
C GLY A 456 -16.67 -24.09 -24.63
N ASP A 457 -15.94 -24.89 -23.87
CA ASP A 457 -14.93 -25.76 -24.45
C ASP A 457 -13.69 -24.93 -24.84
N GLN A 458 -13.63 -23.67 -24.38
CA GLN A 458 -12.44 -22.84 -24.59
C GLN A 458 -11.37 -23.19 -23.56
N GLN A 459 -10.12 -23.25 -24.00
CA GLN A 459 -9.01 -23.53 -23.11
C GLN A 459 -7.86 -22.56 -23.34
N ALA A 460 -7.16 -22.25 -22.27
CA ALA A 460 -5.89 -21.56 -22.38
C ALA A 460 -4.89 -22.15 -21.40
N THR A 461 -3.61 -22.03 -21.70
CA THR A 461 -2.57 -22.38 -20.75
C THR A 461 -1.74 -21.16 -20.36
N HIS A 462 -1.39 -21.10 -19.08
CA HIS A 462 -0.67 -19.96 -18.51
C HIS A 462 0.26 -20.41 -17.43
N SER A 463 1.29 -19.60 -17.20
CA SER A 463 2.30 -19.93 -16.21
C SER A 463 1.84 -19.51 -14.81
N VAL A 464 1.26 -18.33 -14.72
CA VAL A 464 0.78 -17.82 -13.44
C VAL A 464 -0.68 -17.43 -13.59
N VAL A 465 -1.48 -17.80 -12.59
CA VAL A 465 -2.91 -17.42 -12.56
C VAL A 465 -3.26 -16.61 -11.30
N VAL A 466 -3.92 -15.49 -11.49
CA VAL A 466 -4.33 -14.67 -10.37
C VAL A 466 -5.82 -14.58 -10.41
N LEU A 467 -6.44 -14.96 -9.30
CA LEU A 467 -7.88 -14.88 -9.16
C LEU A 467 -8.23 -13.53 -8.53
N ALA A 468 -8.89 -12.68 -9.31
CA ALA A 468 -9.32 -11.39 -8.81
C ALA A 468 -10.80 -11.18 -9.16
N ASN A 469 -11.59 -12.23 -8.98
CA ASN A 469 -12.92 -12.24 -9.55
C ASN A 469 -14.06 -12.00 -8.55
N GLY A 470 -13.80 -11.13 -7.57
CA GLY A 470 -14.83 -10.66 -6.64
C GLY A 470 -15.53 -11.73 -5.82
N HIS A 471 -16.84 -11.64 -5.72
CA HIS A 471 -17.59 -12.57 -4.89
C HIS A 471 -17.55 -14.01 -5.39
N GLN A 472 -17.26 -14.20 -6.67
CA GLN A 472 -17.12 -15.53 -7.24
C GLN A 472 -15.73 -16.14 -7.01
N ILE A 473 -14.97 -15.58 -6.07
CA ILE A 473 -13.63 -16.07 -5.75
C ILE A 473 -13.62 -17.52 -5.29
N SER A 474 -14.67 -17.94 -4.62
CA SER A 474 -14.66 -19.21 -3.93
C SER A 474 -15.44 -20.29 -4.70
N ARG A 475 -15.54 -20.10 -6.02
CA ARG A 475 -16.30 -21.01 -6.89
C ARG A 475 -15.44 -22.02 -7.60
N PHE A 476 -14.19 -22.14 -7.17
CA PHE A 476 -13.28 -23.15 -7.69
C PHE A 476 -12.90 -24.10 -6.55
N SER A 477 -12.57 -25.32 -6.89
CA SER A 477 -12.32 -26.30 -5.86
C SER A 477 -11.12 -25.93 -5.04
N GLN A 478 -10.18 -25.21 -5.65
CA GLN A 478 -8.98 -24.83 -4.92
C GLN A 478 -9.18 -23.59 -4.05
N THR A 479 -10.40 -23.03 -4.08
CA THR A 479 -10.76 -21.86 -3.32
C THR A 479 -12.06 -22.08 -2.53
N SER A 480 -12.69 -23.24 -2.68
CA SER A 480 -14.05 -23.42 -2.10
C SER A 480 -14.19 -23.22 -0.59
N THR A 481 -13.10 -23.31 0.14
CA THR A 481 -13.21 -23.21 1.58
C THR A 481 -12.70 -21.89 2.19
N LEU A 482 -12.41 -20.90 1.35
CA LEU A 482 -12.04 -19.59 1.85
C LEU A 482 -13.18 -19.00 2.68
N PRO A 483 -12.84 -18.46 3.86
CA PRO A 483 -13.76 -17.79 4.79
C PRO A 483 -14.11 -16.39 4.30
N VAL A 484 -14.67 -16.32 3.10
CA VAL A 484 -15.22 -15.09 2.59
C VAL A 484 -16.69 -15.34 2.41
N TYR A 485 -17.48 -14.27 2.38
CA TYR A 485 -18.92 -14.43 2.20
C TYR A 485 -19.45 -13.27 1.37
N SER A 486 -20.55 -13.51 0.69
CA SER A 486 -21.14 -12.51 -0.19
C SER A 486 -22.01 -11.48 0.53
N VAL A 487 -21.91 -10.22 0.11
CA VAL A 487 -22.83 -9.21 0.61
C VAL A 487 -23.35 -8.32 -0.52
N ALA A 488 -24.57 -8.62 -0.94
CA ALA A 488 -25.26 -7.87 -1.97
C ALA A 488 -25.70 -6.54 -1.40
N GLY A 489 -25.84 -5.55 -2.27
CA GLY A 489 -26.30 -4.25 -1.84
C GLY A 489 -26.66 -3.36 -2.99
N GLN A 490 -27.40 -2.32 -2.66
CA GLN A 490 -27.99 -1.46 -3.66
C GLN A 490 -27.69 -0.02 -3.32
N VAL A 491 -27.21 0.73 -4.32
CA VAL A 491 -26.92 2.15 -4.23
C VAL A 491 -27.88 2.92 -5.14
N SER A 492 -28.71 3.78 -4.57
CA SER A 492 -29.69 4.52 -5.35
C SER A 492 -29.10 5.73 -6.01
N HIS A 493 -29.44 5.93 -7.27
CA HIS A 493 -29.06 7.13 -7.98
C HIS A 493 -30.19 8.15 -7.90
N ILE A 494 -29.84 9.37 -7.45
CA ILE A 494 -30.85 10.40 -7.16
C ILE A 494 -30.54 11.74 -7.83
N PRO A 495 -31.58 12.49 -8.23
CA PRO A 495 -31.29 13.80 -8.85
C PRO A 495 -30.97 14.84 -7.79
N THR A 496 -30.13 15.81 -8.12
CA THR A 496 -29.86 16.90 -7.20
C THR A 496 -31.06 17.88 -7.14
N THR A 497 -31.19 18.59 -6.02
CA THR A 497 -32.20 19.64 -5.85
C THR A 497 -31.44 20.89 -5.41
N PRO A 498 -32.08 22.06 -5.38
CA PRO A 498 -31.42 23.23 -4.82
C PRO A 498 -30.85 23.01 -3.40
N GLU A 499 -31.60 22.32 -2.54
CA GLU A 499 -31.18 22.06 -1.18
C GLU A 499 -29.97 21.14 -1.14
N LEU A 500 -30.00 20.12 -1.97
CA LEU A 500 -29.01 19.05 -2.01
C LEU A 500 -27.75 19.43 -2.78
N ALA A 501 -27.87 20.44 -3.65
CA ALA A 501 -26.72 21.00 -4.37
C ALA A 501 -25.80 21.74 -3.42
N GLU A 502 -26.25 21.97 -2.19
CA GLU A 502 -25.41 22.60 -1.19
C GLU A 502 -24.39 21.64 -0.55
N LEU A 503 -24.55 20.33 -0.74
CA LEU A 503 -23.60 19.34 -0.20
C LEU A 503 -22.22 19.45 -0.82
N LYS A 504 -21.24 19.81 0.01
CA LYS A 504 -19.84 19.90 -0.38
C LYS A 504 -19.05 18.60 -0.13
N GLN A 505 -19.56 17.68 0.70
CA GLN A 505 -18.81 16.50 1.09
C GLN A 505 -19.59 15.22 1.11
N VAL A 506 -18.90 14.09 1.21
CA VAL A 506 -19.55 12.82 1.39
C VAL A 506 -19.88 12.74 2.88
N LEU A 507 -21.12 12.39 3.18
CA LEU A 507 -21.58 12.19 4.55
C LEU A 507 -21.69 10.69 4.79
N CYS A 508 -21.12 10.22 5.90
CA CYS A 508 -21.28 8.84 6.36
C CYS A 508 -22.12 8.84 7.61
N TYR A 509 -23.09 7.95 7.66
CA TYR A 509 -24.01 7.82 8.78
C TYR A 509 -24.39 6.34 8.83
N ASP A 510 -25.66 6.03 9.09
CA ASP A 510 -26.18 4.68 8.87
C ASP A 510 -26.43 4.55 7.38
N GLY A 511 -25.36 4.61 6.61
CA GLY A 511 -25.46 4.73 5.18
C GLY A 511 -24.52 5.83 4.70
N TYR A 512 -24.62 6.18 3.43
CA TYR A 512 -23.77 7.23 2.89
C TYR A 512 -24.44 7.95 1.75
N LEU A 513 -24.12 9.23 1.63
CA LEU A 513 -24.66 10.13 0.62
C LEU A 513 -23.49 10.92 0.03
N THR A 514 -23.34 10.89 -1.29
CA THR A 514 -22.25 11.62 -1.95
C THR A 514 -22.76 13.00 -2.32
N PRO A 515 -21.84 13.96 -2.54
CA PRO A 515 -22.35 15.12 -3.21
C PRO A 515 -22.62 14.78 -4.68
N GLN A 516 -23.32 15.67 -5.34
CA GLN A 516 -23.57 15.68 -6.78
C GLN A 516 -22.33 15.41 -7.63
N ASN A 517 -22.48 14.69 -8.73
CA ASN A 517 -21.42 14.71 -9.73
C ASN A 517 -21.81 15.80 -10.69
N PRO A 518 -21.08 16.93 -10.71
CA PRO A 518 -21.52 18.09 -11.51
C PRO A 518 -21.70 17.83 -13.02
N ALA A 519 -21.18 16.72 -13.52
CA ALA A 519 -21.34 16.33 -14.92
C ALA A 519 -22.66 15.58 -15.13
N ASN A 520 -23.31 15.19 -14.03
CA ASN A 520 -24.46 14.28 -14.01
C ASN A 520 -25.71 14.96 -13.51
N GLN A 521 -25.48 15.90 -12.60
CA GLN A 521 -26.48 16.44 -11.69
C GLN A 521 -27.12 15.36 -10.83
N HIS A 522 -26.30 14.40 -10.42
CA HIS A 522 -26.78 13.28 -9.61
C HIS A 522 -25.87 12.91 -8.46
N HIS A 523 -26.48 12.45 -7.36
CA HIS A 523 -25.77 11.93 -6.19
C HIS A 523 -25.98 10.44 -6.21
N CYS A 524 -25.14 9.72 -5.49
CA CYS A 524 -25.42 8.33 -5.18
C CYS A 524 -25.70 8.25 -3.69
N ILE A 525 -26.68 7.45 -3.31
CA ILE A 525 -26.98 7.30 -1.87
C ILE A 525 -27.19 5.83 -1.55
N GLY A 526 -26.50 5.33 -0.54
CA GLY A 526 -26.65 3.94 -0.20
C GLY A 526 -26.42 3.67 1.26
N ALA A 527 -26.22 2.40 1.61
CA ALA A 527 -26.37 1.27 0.69
C ALA A 527 -26.95 0.15 1.51
N SER A 528 -27.69 -0.75 0.87
CA SER A 528 -28.27 -1.91 1.57
C SER A 528 -27.22 -3.01 1.75
N TYR A 529 -27.42 -3.87 2.73
CA TYR A 529 -26.42 -4.86 3.14
C TYR A 529 -27.08 -6.22 3.28
N HIS A 530 -26.85 -7.11 2.33
CA HIS A 530 -27.53 -8.39 2.38
C HIS A 530 -26.54 -9.54 2.49
N ARG A 531 -26.29 -9.97 3.73
CA ARG A 531 -25.22 -10.90 4.05
C ARG A 531 -25.58 -12.33 3.65
N GLY A 532 -24.77 -12.91 2.76
CA GLY A 532 -25.04 -14.27 2.27
C GLY A 532 -25.96 -14.32 1.06
N SER A 533 -26.20 -13.17 0.44
CA SER A 533 -27.00 -13.12 -0.77
C SER A 533 -26.14 -12.72 -1.97
N GLU A 534 -26.39 -13.33 -3.11
CA GLU A 534 -25.71 -12.95 -4.35
C GLU A 534 -26.73 -12.43 -5.37
N ASP A 535 -27.82 -11.89 -4.87
CA ASP A 535 -28.96 -11.50 -5.68
C ASP A 535 -28.83 -10.01 -6.03
N THR A 536 -28.61 -9.71 -7.32
CA THR A 536 -28.50 -8.32 -7.78
C THR A 536 -29.78 -7.71 -8.37
N ALA A 537 -30.94 -8.30 -8.08
CA ALA A 537 -32.22 -7.79 -8.57
C ALA A 537 -32.57 -6.49 -7.86
N TYR A 538 -33.12 -5.53 -8.59
CA TYR A 538 -33.57 -4.29 -7.99
C TYR A 538 -34.60 -4.56 -6.90
N SER A 539 -34.37 -3.97 -5.74
CA SER A 539 -35.34 -4.05 -4.66
C SER A 539 -35.92 -2.68 -4.36
N GLU A 540 -37.24 -2.60 -4.39
CA GLU A 540 -37.95 -1.39 -4.05
C GLU A 540 -37.79 -1.06 -2.57
N ASP A 541 -37.80 -2.07 -1.70
CA ASP A 541 -37.60 -1.88 -0.24
C ASP A 541 -36.22 -1.29 0.05
N ASP A 542 -35.20 -1.77 -0.66
CA ASP A 542 -33.84 -1.25 -0.51
C ASP A 542 -33.76 0.21 -0.94
N GLN A 543 -34.37 0.50 -2.09
CA GLN A 543 -34.43 1.85 -2.60
C GLN A 543 -35.00 2.82 -1.59
N GLN A 544 -36.18 2.52 -1.02
CA GLN A 544 -36.81 3.40 -0.02
C GLN A 544 -35.93 3.54 1.21
N GLN A 545 -35.29 2.43 1.55
CA GLN A 545 -34.53 2.33 2.77
C GLN A 545 -33.24 3.14 2.64
N ASN A 546 -32.75 3.32 1.41
CA ASN A 546 -31.60 4.20 1.15
C ASN A 546 -31.91 5.68 1.43
N ARG A 547 -33.13 6.09 1.13
CA ARG A 547 -33.61 7.41 1.50
C ARG A 547 -33.88 7.45 3.02
N GLN A 548 -34.57 6.44 3.52
CA GLN A 548 -35.18 6.54 4.84
C GLN A 548 -34.14 6.60 5.95
N ARG A 549 -33.05 5.86 5.76
CA ARG A 549 -32.00 5.76 6.75
C ARG A 549 -31.37 7.12 7.00
N LEU A 550 -31.34 7.94 5.95
CA LEU A 550 -30.73 9.24 5.99
C LEU A 550 -31.62 10.14 6.82
N ILE A 551 -32.92 10.01 6.58
CA ILE A 551 -33.94 10.78 7.28
C ILE A 551 -34.02 10.40 8.74
N ASP A 552 -33.90 9.12 9.04
CA ASP A 552 -33.88 8.69 10.43
C ASP A 552 -32.65 9.21 11.18
N CYS A 553 -31.53 9.39 10.48
CA CYS A 553 -30.35 9.90 11.14
C CYS A 553 -30.43 11.39 11.41
N PHE A 554 -31.06 12.12 10.49
CA PHE A 554 -31.19 13.56 10.63
C PHE A 554 -32.63 13.97 10.41
N PRO A 555 -33.46 13.81 11.45
CA PRO A 555 -34.92 13.91 11.35
C PRO A 555 -35.44 15.33 11.12
N GLN A 556 -34.62 16.33 11.43
CA GLN A 556 -35.01 17.73 11.21
C GLN A 556 -34.48 18.29 9.89
N ALA A 557 -33.63 17.52 9.21
CA ALA A 557 -33.00 17.98 7.98
C ALA A 557 -33.97 18.05 6.81
N GLN A 558 -34.32 19.26 6.41
CA GLN A 558 -35.20 19.47 5.27
C GLN A 558 -34.51 19.07 3.97
N TRP A 559 -33.18 19.16 3.94
CA TRP A 559 -32.43 18.70 2.77
C TRP A 559 -32.50 17.19 2.61
N ALA A 560 -32.60 16.48 3.73
CA ALA A 560 -32.63 15.04 3.67
C ALA A 560 -33.94 14.54 3.09
N LYS A 561 -35.02 15.30 3.26
CA LYS A 561 -36.33 14.93 2.71
C LYS A 561 -36.42 15.18 1.22
N GLU A 562 -35.52 16.02 0.70
CA GLU A 562 -35.49 16.36 -0.73
C GLU A 562 -34.81 15.26 -1.56
N VAL A 563 -34.26 14.24 -0.90
CA VAL A 563 -33.78 13.05 -1.60
C VAL A 563 -34.98 12.40 -2.26
N ASP A 564 -34.84 12.12 -3.56
CA ASP A 564 -35.93 11.65 -4.38
C ASP A 564 -35.49 10.36 -5.07
N VAL A 565 -36.10 9.23 -4.70
CA VAL A 565 -35.73 7.92 -5.26
C VAL A 565 -36.75 7.36 -6.23
N SER A 566 -37.74 8.18 -6.59
CA SER A 566 -38.87 7.76 -7.40
C SER A 566 -38.54 7.31 -8.83
N ASP A 567 -37.37 7.67 -9.34
CA ASP A 567 -36.94 7.27 -10.69
C ASP A 567 -36.60 5.78 -10.79
N LYS A 568 -36.50 5.13 -9.63
CA LYS A 568 -36.13 3.72 -9.50
C LYS A 568 -34.78 3.39 -10.13
N GLU A 569 -33.90 4.39 -10.18
CA GLU A 569 -32.55 4.24 -10.69
C GLU A 569 -31.62 3.84 -9.56
N ALA A 570 -30.89 2.74 -9.77
CA ALA A 570 -29.98 2.19 -8.77
C ALA A 570 -28.98 1.27 -9.43
N ARG A 571 -27.94 0.92 -8.68
CA ARG A 571 -26.99 -0.07 -9.12
C ARG A 571 -26.84 -1.12 -8.02
N CYS A 572 -26.78 -2.39 -8.44
CA CYS A 572 -26.67 -3.53 -7.55
C CYS A 572 -25.42 -4.36 -7.83
N GLY A 573 -24.73 -4.74 -6.77
CA GLY A 573 -23.59 -5.60 -6.89
C GLY A 573 -23.45 -6.50 -5.68
N VAL A 574 -22.44 -7.36 -5.70
CA VAL A 574 -22.17 -8.31 -4.62
C VAL A 574 -20.74 -8.08 -4.10
N ARG A 575 -20.62 -7.58 -2.87
CA ARG A 575 -19.33 -7.49 -2.18
C ARG A 575 -18.85 -8.88 -1.71
N CYS A 576 -17.54 -9.03 -1.59
CA CYS A 576 -16.92 -10.20 -1.03
C CYS A 576 -16.17 -9.80 0.24
N ALA A 577 -16.59 -10.29 1.40
CA ALA A 577 -16.07 -9.77 2.66
C ALA A 577 -15.47 -10.83 3.57
N THR A 578 -14.77 -10.38 4.61
CA THR A 578 -14.26 -11.28 5.65
C THR A 578 -14.78 -10.76 6.98
N ARG A 579 -14.89 -11.62 7.99
CA ARG A 579 -15.29 -11.18 9.33
C ARG A 579 -14.39 -10.07 9.86
N ASP A 580 -13.09 -10.15 9.55
CA ASP A 580 -12.12 -9.21 10.11
C ASP A 580 -11.91 -7.97 9.25
N HIS A 581 -12.71 -7.83 8.19
CA HIS A 581 -12.73 -6.64 7.32
C HIS A 581 -11.44 -6.32 6.53
N LEU A 582 -10.46 -7.22 6.53
CA LEU A 582 -9.25 -7.03 5.74
C LEU A 582 -9.26 -7.88 4.45
N PRO A 583 -8.62 -7.36 3.37
CA PRO A 583 -8.54 -8.12 2.14
C PRO A 583 -7.84 -9.48 2.28
N MET A 584 -7.94 -10.30 1.24
CA MET A 584 -7.28 -11.58 1.22
C MET A 584 -6.40 -11.57 0.02
N VAL A 585 -5.15 -11.22 0.21
CA VAL A 585 -4.26 -11.02 -0.92
C VAL A 585 -3.01 -11.87 -0.75
N GLY A 586 -2.72 -12.72 -1.74
CA GLY A 586 -1.48 -13.47 -1.72
C GLY A 586 -1.54 -14.78 -2.47
N ASN A 587 -0.72 -15.75 -2.04
CA ASN A 587 -0.75 -17.10 -2.58
C ASN A 587 -2.10 -17.70 -2.19
N VAL A 588 -2.70 -18.46 -3.11
CA VAL A 588 -3.89 -19.25 -2.79
C VAL A 588 -3.44 -20.48 -2.01
N PRO A 589 -3.99 -20.66 -0.80
CA PRO A 589 -3.53 -21.72 0.08
C PRO A 589 -4.23 -23.03 -0.19
N ASP A 590 -3.53 -24.13 0.05
CA ASP A 590 -4.05 -25.47 -0.10
C ASP A 590 -4.65 -25.89 1.24
N TYR A 591 -5.97 -25.92 1.29
CA TYR A 591 -6.70 -26.16 2.52
C TYR A 591 -6.41 -27.52 3.15
N GLU A 592 -6.63 -28.58 2.36
CA GLU A 592 -6.37 -29.94 2.80
C GLU A 592 -4.92 -30.16 3.20
N ALA A 593 -3.96 -29.66 2.43
CA ALA A 593 -2.56 -29.83 2.80
C ALA A 593 -2.16 -28.98 4.00
N THR A 594 -2.83 -27.85 4.20
CA THR A 594 -2.62 -27.02 5.39
C THR A 594 -3.02 -27.77 6.66
N LEU A 595 -4.17 -28.41 6.60
CA LEU A 595 -4.73 -29.12 7.74
C LEU A 595 -3.94 -30.37 8.12
N VAL A 596 -3.42 -31.06 7.13
CA VAL A 596 -2.61 -32.23 7.39
C VAL A 596 -1.26 -31.83 7.96
N GLU A 597 -0.59 -30.89 7.29
CA GLU A 597 0.75 -30.49 7.66
C GLU A 597 0.85 -29.75 8.97
N TYR A 598 -0.21 -29.05 9.35
CA TYR A 598 -0.19 -28.28 10.58
C TYR A 598 -1.16 -28.85 11.60
N ALA A 599 -1.39 -30.16 11.52
CA ALA A 599 -2.32 -30.84 12.44
C ALA A 599 -1.95 -30.64 13.90
N SER A 600 -0.68 -30.82 14.19
CA SER A 600 -0.15 -30.60 15.52
C SER A 600 0.88 -29.48 15.47
N LEU A 601 0.47 -28.31 14.99
CA LEU A 601 1.34 -27.15 14.87
C LEU A 601 1.55 -26.49 16.22
N ALA A 602 0.59 -26.68 17.13
CA ALA A 602 0.63 -26.03 18.44
C ALA A 602 1.85 -26.48 19.28
N GLU A 603 2.49 -27.57 18.88
CA GLU A 603 3.70 -28.02 19.57
C GLU A 603 4.82 -28.50 18.65
N GLN A 604 4.67 -28.29 17.35
CA GLN A 604 5.75 -28.60 16.42
C GLN A 604 5.99 -27.40 15.51
N LYS A 605 5.92 -26.20 16.10
CA LYS A 605 6.17 -24.94 15.39
C LYS A 605 7.55 -24.90 14.77
N ASP A 606 8.50 -25.46 15.50
CA ASP A 606 9.90 -25.37 15.12
C ASP A 606 10.24 -26.20 13.86
N GLU A 607 9.51 -27.29 13.65
CA GLU A 607 9.71 -28.13 12.46
C GLU A 607 8.70 -27.82 11.33
N ALA A 608 7.92 -26.76 11.47
CA ALA A 608 6.84 -26.45 10.51
C ALA A 608 7.31 -26.11 9.12
N VAL A 609 6.66 -26.70 8.12
CA VAL A 609 6.98 -26.44 6.72
C VAL A 609 6.40 -25.09 6.28
N SER A 610 6.92 -24.58 5.16
CA SER A 610 6.40 -23.41 4.49
C SER A 610 4.88 -23.53 4.22
N ALA A 611 4.15 -22.43 4.32
CA ALA A 611 2.71 -22.44 4.06
C ALA A 611 2.36 -23.22 2.80
N PRO A 612 1.56 -24.28 2.94
CA PRO A 612 1.17 -25.05 1.77
C PRO A 612 0.28 -24.23 0.85
N VAL A 613 0.78 -23.96 -0.34
CA VAL A 613 0.06 -23.15 -1.29
C VAL A 613 0.03 -23.88 -2.63
N PHE A 614 -0.77 -23.35 -3.55
CA PHE A 614 -0.72 -23.82 -4.91
C PHE A 614 0.33 -23.01 -5.66
N ASP A 615 1.11 -23.69 -6.49
CA ASP A 615 2.24 -23.05 -7.19
C ASP A 615 1.83 -22.09 -8.30
N ASP A 616 2.43 -20.91 -8.29
CA ASP A 616 2.14 -19.89 -9.26
C ASP A 616 0.66 -19.52 -9.36
N LEU A 617 -0.04 -19.57 -8.22
CA LEU A 617 -1.47 -19.22 -8.17
C LEU A 617 -1.73 -18.19 -7.09
N PHE A 618 -2.30 -17.06 -7.46
CA PHE A 618 -2.43 -15.98 -6.49
C PHE A 618 -3.86 -15.55 -6.42
N MET A 619 -4.20 -14.79 -5.38
CA MET A 619 -5.53 -14.19 -5.26
C MET A 619 -5.48 -12.77 -4.74
N PHE A 620 -6.46 -11.98 -5.18
CA PHE A 620 -6.59 -10.56 -4.84
C PHE A 620 -8.07 -10.43 -4.55
N ALA A 621 -8.46 -10.46 -3.29
CA ALA A 621 -9.85 -10.70 -3.03
C ALA A 621 -10.37 -10.05 -1.76
N ALA A 622 -11.68 -10.19 -1.58
CA ALA A 622 -12.39 -9.82 -0.37
C ALA A 622 -12.20 -8.36 0.05
N LEU A 623 -12.52 -7.46 -0.87
CA LEU A 623 -12.32 -6.04 -0.65
C LEU A 623 -13.52 -5.37 -0.02
N GLY A 624 -14.53 -6.16 0.31
CA GLY A 624 -15.62 -5.65 1.14
C GLY A 624 -16.31 -4.47 0.49
N SER A 625 -16.61 -3.44 1.26
CA SER A 625 -17.10 -2.21 0.66
C SER A 625 -16.07 -1.09 0.72
N ARG A 626 -14.78 -1.43 0.82
CA ARG A 626 -13.73 -0.42 0.87
C ARG A 626 -12.63 -0.64 -0.18
N GLY A 627 -12.99 -1.23 -1.31
CA GLY A 627 -12.03 -1.54 -2.36
C GLY A 627 -11.37 -0.36 -3.03
N LEU A 628 -12.03 0.79 -3.09
CA LEU A 628 -11.43 2.00 -3.67
C LEU A 628 -10.26 2.48 -2.84
N CYS A 629 -10.29 2.12 -1.56
CA CYS A 629 -9.26 2.50 -0.62
C CYS A 629 -8.14 1.49 -0.58
N SER A 630 -8.50 0.23 -0.67
CA SER A 630 -7.54 -0.82 -0.42
C SER A 630 -6.89 -1.34 -1.69
N ALA A 631 -7.56 -1.23 -2.84
CA ALA A 631 -7.02 -1.88 -4.06
C ALA A 631 -5.66 -1.38 -4.50
N PRO A 632 -5.42 -0.05 -4.51
CA PRO A 632 -4.09 0.37 -4.97
C PRO A 632 -2.94 -0.28 -4.22
N LEU A 633 -2.97 -0.26 -2.89
CA LEU A 633 -1.84 -0.77 -2.12
C LEU A 633 -1.78 -2.29 -2.17
N CYS A 634 -2.94 -2.93 -2.24
CA CYS A 634 -3.00 -4.36 -2.44
C CYS A 634 -2.43 -4.78 -3.80
N ALA A 635 -2.68 -3.97 -4.83
CA ALA A 635 -2.07 -4.19 -6.13
C ALA A 635 -0.53 -4.16 -6.04
N GLU A 636 0.01 -3.25 -5.23
CA GLU A 636 1.45 -3.17 -5.01
C GLU A 636 1.99 -4.39 -4.30
N ILE A 637 1.31 -4.76 -3.21
CA ILE A 637 1.72 -5.87 -2.39
C ILE A 637 1.80 -7.17 -3.21
N LEU A 638 0.72 -7.50 -3.92
CA LEU A 638 0.65 -8.73 -4.67
C LEU A 638 1.67 -8.76 -5.81
N ALA A 639 1.77 -7.65 -6.55
CA ALA A 639 2.65 -7.56 -7.71
C ALA A 639 4.10 -7.56 -7.28
N ALA A 640 4.38 -7.02 -6.10
CA ALA A 640 5.72 -7.13 -5.53
C ALA A 640 5.98 -8.58 -5.16
N GLN A 641 5.05 -9.19 -4.42
CA GLN A 641 5.19 -10.56 -3.98
C GLN A 641 5.40 -11.51 -5.15
N MET A 642 4.61 -11.33 -6.20
CA MET A 642 4.68 -12.15 -7.40
C MET A 642 6.03 -12.06 -8.09
N SER A 643 6.74 -10.95 -7.88
CA SER A 643 7.94 -10.62 -8.62
C SER A 643 9.19 -10.73 -7.77
N ASP A 644 9.04 -11.17 -6.52
CA ASP A 644 10.16 -11.29 -5.60
C ASP A 644 10.85 -9.94 -5.45
N GLU A 645 10.02 -8.90 -5.39
CA GLU A 645 10.46 -7.55 -5.16
C GLU A 645 9.90 -7.07 -3.81
N PRO A 646 10.52 -6.01 -3.24
CA PRO A 646 10.20 -5.49 -1.90
C PRO A 646 8.74 -5.18 -1.69
N ILE A 647 8.11 -5.85 -0.72
CA ILE A 647 6.72 -5.60 -0.36
C ILE A 647 6.59 -4.42 0.62
N PRO A 648 5.77 -3.43 0.28
CA PRO A 648 5.66 -2.22 1.11
C PRO A 648 4.72 -2.34 2.33
N MET A 649 5.03 -3.27 3.23
CA MET A 649 4.20 -3.46 4.43
C MET A 649 4.99 -4.26 5.45
N ASP A 650 4.68 -4.09 6.72
CA ASP A 650 5.36 -4.84 7.77
C ASP A 650 4.84 -6.28 7.79
N ALA A 651 5.58 -7.17 8.44
CA ALA A 651 5.25 -8.61 8.44
C ALA A 651 3.92 -8.93 9.09
N SER A 652 3.52 -8.18 10.09
CA SER A 652 2.35 -8.61 10.84
C SER A 652 1.08 -8.12 10.17
N THR A 653 1.17 -6.96 9.55
CA THR A 653 0.07 -6.49 8.70
C THR A 653 -0.10 -7.37 7.48
N LEU A 654 1.01 -7.79 6.88
CA LEU A 654 0.95 -8.78 5.80
C LEU A 654 0.25 -10.08 6.25
N ALA A 655 0.58 -10.56 7.45
CA ALA A 655 0.00 -11.79 7.98
C ALA A 655 -1.51 -11.61 8.20
N ALA A 656 -1.92 -10.39 8.51
CA ALA A 656 -3.31 -10.05 8.70
C ALA A 656 -4.08 -10.03 7.36
N LEU A 657 -3.34 -10.03 6.25
CA LEU A 657 -3.89 -10.00 4.93
C LEU A 657 -3.72 -11.33 4.20
N ASN A 658 -2.94 -12.23 4.79
CA ASN A 658 -2.73 -13.54 4.19
C ASN A 658 -4.04 -14.31 4.09
N PRO A 659 -4.24 -15.05 3.00
CA PRO A 659 -5.48 -15.82 2.84
C PRO A 659 -5.60 -17.04 3.75
N ASN A 660 -4.51 -17.55 4.29
CA ASN A 660 -4.64 -18.74 5.14
C ASN A 660 -4.83 -18.43 6.61
N ARG A 661 -5.01 -17.13 6.89
CA ARG A 661 -4.95 -16.61 8.24
C ARG A 661 -5.90 -17.22 9.27
N LEU A 662 -7.16 -17.42 8.91
CA LEU A 662 -8.13 -18.01 9.84
C LEU A 662 -7.70 -19.40 10.27
N TRP A 663 -7.34 -20.23 9.30
CA TRP A 663 -6.96 -21.61 9.51
C TRP A 663 -5.71 -21.70 10.36
N VAL A 664 -4.73 -20.88 10.01
CA VAL A 664 -3.44 -20.93 10.66
C VAL A 664 -3.53 -20.41 12.08
N ARG A 665 -4.40 -19.43 12.32
CA ARG A 665 -4.62 -18.90 13.68
C ARG A 665 -5.17 -19.98 14.61
N LYS A 666 -6.14 -20.75 14.10
CA LYS A 666 -6.74 -21.81 14.88
C LYS A 666 -5.74 -22.93 15.08
N LEU A 667 -5.09 -23.33 13.99
CA LEU A 667 -4.09 -24.39 14.07
C LEU A 667 -2.93 -24.09 15.02
N LEU A 668 -2.45 -22.85 15.03
CA LEU A 668 -1.46 -22.36 16.01
C LEU A 668 -1.88 -22.53 17.47
N LYS A 669 -3.09 -22.05 17.80
CA LYS A 669 -3.62 -22.13 19.16
C LYS A 669 -4.18 -23.54 19.44
N GLY A 670 -3.92 -24.47 18.55
CA GLY A 670 -4.38 -25.85 18.68
C GLY A 670 -5.81 -26.11 18.25
N LYS A 671 -6.65 -25.06 18.19
CA LYS A 671 -8.08 -25.22 17.89
C LYS A 671 -8.32 -25.50 16.39
#